data_6XXL
#
_entry.id   6XXL
#
_cell.length_a   104.898
_cell.length_b   104.898
_cell.length_c   160.429
_cell.angle_alpha   90.000
_cell.angle_beta   90.000
_cell.angle_gamma   120.000
#
_symmetry.space_group_name_H-M   'P 32 2 1'
#
loop_
_entity.id
_entity.type
_entity.pdbx_description
1 polymer 'Deoxyhypusine synthase'
2 non-polymer 'FORMIC ACID'
3 non-polymer SPERMINE
4 non-polymer 1,2-ETHANEDIOL
5 non-polymer 'OXAMIC ACID'
6 non-polymer 'ACETATE ION'
7 non-polymer BETA-MERCAPTOETHANOL
8 non-polymer (4S)-2-METHYL-2,4-PENTANEDIOL
9 water water
#
_entity_poly.entity_id   1
_entity_poly.type   'polypeptide(L)'
_entity_poly.pdbx_seq_one_letter_code
;MEGSLEREAPAGALAAVLKHSSTLPPESTQVRGYDFNRGVNYRALLEAFGTTGFQATNFGRAVQQVNAMIEKKLEPLSQD
EDQHADLTQSRRPLTSCTIFLGYTSNLISSGIRETIRYLVQHNMVDVLVTTAGGVEEDLIKCLAPTYLGEFSLRGKELRE
NGINRIGNLLVPNENY(CSS)KFEDWLMPILDQMVMEQNTEGVKWTPSKMIARLGKEINNPESVYYWAQKNHIPVFSPAL
TDGSLGDMIFFHSYKNPGLVLDIVEDLRLINTQAIFAKCTGMIILGGGVVKHHIANANLMRNGADYAVYINTAQEFDGSD
SGARPDEAVSWGKIRVDAQPVKVYADASLVFPLLVAETFAQKMDAFMHEKNED
;
_entity_poly.pdbx_strand_id   A,B
#
loop_
_chem_comp.id
_chem_comp.type
_chem_comp.name
_chem_comp.formula
ACT non-polymer 'ACETATE ION' 'C2 H3 O2 -1'
BME non-polymer BETA-MERCAPTOETHANOL 'C2 H6 O S'
EDO non-polymer 1,2-ETHANEDIOL 'C2 H6 O2'
FMT non-polymer 'FORMIC ACID' 'C H2 O2'
MPD non-polymer (4S)-2-METHYL-2,4-PENTANEDIOL 'C6 H14 O2'
OXM non-polymer 'OXAMIC ACID' 'C2 H3 N O3'
SPM non-polymer SPERMINE 'C10 H26 N4'
#
# COMPACT_ATOMS: atom_id res chain seq x y z
N GLU A 27 -38.25 16.87 -8.36
CA GLU A 27 -36.99 16.80 -7.63
C GLU A 27 -35.91 16.77 -8.69
N SER A 28 -35.76 17.78 -9.52
CA SER A 28 -34.76 17.70 -10.57
C SER A 28 -33.95 18.95 -10.72
N THR A 29 -32.66 18.79 -10.79
CA THR A 29 -31.78 19.95 -10.90
C THR A 29 -31.21 20.05 -12.30
N GLN A 30 -31.29 21.26 -12.86
CA GLN A 30 -30.84 21.50 -14.21
C GLN A 30 -29.35 21.74 -14.24
N VAL A 31 -28.76 21.36 -15.35
CA VAL A 31 -27.36 21.61 -15.61
C VAL A 31 -27.20 23.07 -15.99
N ARG A 32 -26.29 23.76 -15.32
CA ARG A 32 -25.94 25.14 -15.64
C ARG A 32 -24.54 25.45 -15.12
N GLY A 33 -23.69 26.03 -15.95
CA GLY A 33 -22.37 26.43 -15.52
C GLY A 33 -22.32 27.87 -15.06
N TYR A 34 -21.19 28.21 -14.45
CA TYR A 34 -20.94 29.59 -14.02
C TYR A 34 -20.90 30.53 -15.21
N ASP A 35 -21.58 31.68 -15.08
CA ASP A 35 -21.64 32.71 -16.12
C ASP A 35 -20.62 33.79 -15.83
N PHE A 36 -19.54 33.82 -16.60
CA PHE A 36 -18.48 34.80 -16.40
C PHE A 36 -18.90 36.20 -16.83
N ASN A 37 -20.09 36.36 -17.41
CA ASN A 37 -20.62 37.72 -17.53
C ASN A 37 -20.90 38.33 -16.17
N ARG A 38 -20.91 37.53 -15.11
CA ARG A 38 -21.04 38.07 -13.76
C ARG A 38 -19.75 38.67 -13.23
N GLY A 39 -18.65 38.51 -13.97
CA GLY A 39 -17.32 38.74 -13.45
C GLY A 39 -16.78 37.49 -12.77
N VAL A 40 -15.78 37.67 -11.91
CA VAL A 40 -15.09 36.55 -11.25
C VAL A 40 -15.31 36.66 -9.75
N ASN A 41 -16.31 35.93 -9.25
CA ASN A 41 -16.49 35.67 -7.83
C ASN A 41 -16.15 34.20 -7.63
N TYR A 42 -15.03 33.93 -6.97
CA TYR A 42 -14.55 32.55 -6.89
C TYR A 42 -15.44 31.65 -6.05
N ARG A 43 -16.11 32.19 -5.04
CA ARG A 43 -17.00 31.35 -4.23
C ARG A 43 -18.18 30.89 -5.10
N ALA A 44 -18.79 31.79 -5.85
CA ALA A 44 -19.87 31.46 -6.77
C ALA A 44 -19.39 30.49 -7.84
N LEU A 45 -18.16 30.69 -8.34
CA LEU A 45 -17.59 29.78 -9.34
CA LEU A 45 -17.60 29.78 -9.34
C LEU A 45 -17.49 28.36 -8.79
N LEU A 46 -16.99 28.22 -7.56
CA LEU A 46 -16.87 26.90 -6.94
C LEU A 46 -18.25 26.32 -6.66
N GLU A 47 -19.19 27.15 -6.24
CA GLU A 47 -20.57 26.70 -5.97
C GLU A 47 -21.15 26.14 -7.27
N ALA A 48 -20.86 26.76 -8.40
CA ALA A 48 -21.42 26.32 -9.67
C ALA A 48 -20.93 24.94 -10.07
N PHE A 49 -19.83 24.44 -9.49
CA PHE A 49 -19.41 23.10 -9.86
CA PHE A 49 -19.40 23.08 -9.82
C PHE A 49 -20.54 22.09 -9.67
N GLY A 50 -21.36 22.28 -8.63
CA GLY A 50 -22.41 21.32 -8.33
C GLY A 50 -23.37 21.08 -9.47
N THR A 51 -23.69 22.13 -10.24
CA THR A 51 -24.61 21.98 -11.36
C THR A 51 -23.89 21.91 -12.71
N THR A 52 -22.58 21.71 -12.72
CA THR A 52 -21.83 21.66 -13.98
C THR A 52 -21.76 20.25 -14.57
N GLY A 53 -21.86 19.22 -13.75
CA GLY A 53 -21.91 17.84 -14.23
C GLY A 53 -20.56 17.14 -14.10
N PHE A 54 -20.57 15.84 -14.43
CA PHE A 54 -19.36 15.02 -14.38
C PHE A 54 -18.62 15.18 -13.05
N GLN A 55 -17.29 15.23 -13.04
CA GLN A 55 -16.65 15.26 -11.72
C GLN A 55 -16.82 16.61 -11.01
N ALA A 56 -17.13 17.67 -11.72
CA ALA A 56 -17.48 18.92 -11.03
C ALA A 56 -18.68 18.70 -10.11
N THR A 57 -19.69 18.00 -10.59
CA THR A 57 -20.82 17.68 -9.74
C THR A 57 -20.39 16.80 -8.56
N ASN A 58 -19.52 15.81 -8.78
CA ASN A 58 -19.07 15.03 -7.63
C ASN A 58 -18.30 15.88 -6.64
N PHE A 59 -17.54 16.86 -7.12
CA PHE A 59 -16.89 17.79 -6.18
C PHE A 59 -17.94 18.52 -5.32
N GLY A 60 -19.02 18.98 -5.92
CA GLY A 60 -20.07 19.63 -5.14
C GLY A 60 -20.67 18.70 -4.12
N ARG A 61 -20.86 17.44 -4.49
CA ARG A 61 -21.37 16.45 -3.56
CA ARG A 61 -21.38 16.44 -3.56
C ARG A 61 -20.36 16.20 -2.44
N ALA A 62 -19.08 16.24 -2.74
CA ALA A 62 -18.07 16.04 -1.71
C ALA A 62 -18.04 17.19 -0.71
N VAL A 63 -18.16 18.43 -1.20
CA VAL A 63 -18.32 19.58 -0.31
C VAL A 63 -19.47 19.32 0.65
N GLN A 64 -20.59 18.83 0.12
CA GLN A 64 -21.75 18.60 0.98
C GLN A 64 -21.48 17.49 2.00
N GLN A 65 -20.78 16.43 1.61
CA GLN A 65 -20.53 15.33 2.55
C GLN A 65 -19.59 15.78 3.67
N VAL A 66 -18.51 16.48 3.32
CA VAL A 66 -17.57 16.94 4.34
C VAL A 66 -18.22 17.99 5.25
N ASN A 67 -19.04 18.88 4.68
CA ASN A 67 -19.75 19.82 5.56
C ASN A 67 -20.72 19.12 6.49
N ALA A 68 -21.34 18.03 6.04
CA ALA A 68 -22.17 17.24 6.96
C ALA A 68 -21.32 16.60 8.06
N MET A 69 -20.12 16.10 7.72
CA MET A 69 -19.24 15.60 8.77
C MET A 69 -18.90 16.68 9.79
N ILE A 70 -18.57 17.88 9.31
CA ILE A 70 -18.15 18.95 10.22
C ILE A 70 -19.33 19.36 11.10
N GLU A 71 -20.49 19.56 10.49
CA GLU A 71 -21.64 19.98 11.27
C GLU A 71 -22.00 18.92 12.31
N LYS A 72 -21.87 17.63 11.96
CA LYS A 72 -22.13 16.60 12.98
C LYS A 72 -21.09 16.65 14.09
N LYS A 73 -19.81 16.80 13.74
CA LYS A 73 -18.74 16.90 14.72
C LYS A 73 -19.00 18.00 15.74
N LEU A 74 -19.56 19.13 15.29
CA LEU A 74 -19.81 20.26 16.18
C LEU A 74 -21.06 20.12 17.03
N GLU A 75 -21.87 19.11 16.82
CA GLU A 75 -23.00 18.90 17.66
C GLU A 75 -22.52 18.55 19.07
N PRO A 76 -23.11 19.14 20.12
CA PRO A 76 -22.63 18.74 21.44
C PRO A 76 -22.98 17.33 21.83
N LEU A 77 -22.22 16.76 22.72
CA LEU A 77 -22.55 15.46 23.21
C LEU A 77 -22.28 15.43 24.72
N SER A 78 -22.76 14.43 25.41
CA SER A 78 -22.52 14.42 26.84
C SER A 78 -22.24 13.06 27.45
N GLN A 79 -21.15 12.47 27.02
CA GLN A 79 -20.76 11.16 27.50
C GLN A 79 -19.53 11.13 28.37
N ASP A 80 -19.37 10.00 29.06
CA ASP A 80 -18.28 9.74 30.03
C ASP A 80 -16.86 9.86 29.54
N GLU A 81 -16.18 10.86 30.00
CA GLU A 81 -14.83 11.12 29.63
C GLU A 81 -13.81 10.05 30.00
N ASP A 82 -13.90 9.49 31.17
CA ASP A 82 -12.90 8.56 31.65
C ASP A 82 -13.02 7.19 31.11
N GLN A 83 -14.24 6.78 30.83
CA GLN A 83 -14.49 5.48 30.28
C GLN A 83 -13.96 5.49 28.86
N HIS A 84 -14.42 6.46 28.10
CA HIS A 84 -13.95 6.55 26.75
C HIS A 84 -12.46 6.38 26.70
N ALA A 85 -11.73 7.16 27.48
CA ALA A 85 -10.29 7.08 27.47
C ALA A 85 -9.78 5.71 27.84
N ASP A 86 -10.50 5.00 28.68
CA ASP A 86 -10.03 3.71 29.09
C ASP A 86 -10.19 2.69 28.01
N LEU A 87 -11.34 2.74 27.36
CA LEU A 87 -11.66 1.83 26.30
C LEU A 87 -10.84 2.06 25.01
N THR A 88 -10.36 3.28 24.80
CA THR A 88 -9.57 3.58 23.64
C THR A 88 -8.12 3.78 23.97
N GLN A 89 -7.79 3.86 25.23
CA GLN A 89 -6.42 4.06 25.63
C GLN A 89 -5.86 5.25 24.95
N SER A 90 -6.67 6.26 24.85
CA SER A 90 -6.35 7.50 24.21
C SER A 90 -6.77 8.68 25.07
N ARG A 91 -5.98 9.74 25.01
CA ARG A 91 -6.29 10.98 25.73
C ARG A 91 -7.20 11.86 24.88
N ARG A 92 -7.49 11.52 23.62
CA ARG A 92 -8.23 12.47 22.79
C ARG A 92 -9.71 12.42 23.16
N PRO A 93 -10.34 13.56 23.47
CA PRO A 93 -11.75 13.52 23.81
C PRO A 93 -12.63 13.20 22.61
N LEU A 94 -13.73 12.51 22.91
CA LEU A 94 -14.69 12.11 21.88
C LEU A 94 -15.52 13.33 21.49
N THR A 95 -15.77 13.45 20.18
CA THR A 95 -16.72 14.41 19.62
C THR A 95 -17.89 13.67 18.97
N SER A 96 -18.84 14.42 18.43
CA SER A 96 -19.99 13.80 17.79
C SER A 96 -19.67 13.16 16.44
N CYS A 97 -18.51 13.43 15.83
CA CYS A 97 -18.15 12.74 14.59
C CYS A 97 -16.63 12.58 14.56
N THR A 98 -16.18 11.34 14.57
CA THR A 98 -14.76 11.03 14.44
C THR A 98 -14.36 10.96 12.97
N ILE A 99 -13.46 11.85 12.56
CA ILE A 99 -13.09 11.98 11.15
C ILE A 99 -11.72 11.35 10.94
N PHE A 100 -11.66 10.38 10.05
CA PHE A 100 -10.42 9.73 9.64
C PHE A 100 -9.97 10.37 8.32
N LEU A 101 -8.72 10.81 8.28
CA LEU A 101 -8.13 11.41 7.09
C LEU A 101 -6.96 10.55 6.66
N GLY A 102 -7.03 10.00 5.43
CA GLY A 102 -5.95 9.20 4.89
C GLY A 102 -5.38 9.84 3.64
N TYR A 103 -4.07 9.67 3.44
CA TYR A 103 -3.43 10.24 2.27
C TYR A 103 -2.16 9.48 1.95
N THR A 104 -1.86 9.37 0.66
CA THR A 104 -0.66 8.67 0.22
C THR A 104 0.57 9.57 0.31
N SER A 105 1.69 8.87 0.34
CA SER A 105 2.97 9.52 0.39
CA SER A 105 3.02 9.60 0.43
CA SER A 105 2.98 9.54 0.39
C SER A 105 3.30 10.79 -0.56
N ASN A 106 2.88 10.57 -1.81
CA ASN A 106 3.13 11.60 -2.79
C ASN A 106 2.48 12.92 -2.40
N LEU A 107 1.33 12.86 -1.75
CA LEU A 107 0.68 14.11 -1.40
C LEU A 107 1.45 14.89 -0.34
N ILE A 108 2.26 14.22 0.48
CA ILE A 108 3.09 14.94 1.43
C ILE A 108 4.31 15.53 0.74
N SER A 109 4.78 14.91 -0.36
CA SER A 109 5.80 15.56 -1.18
CA SER A 109 5.80 15.56 -1.18
C SER A 109 5.25 16.78 -1.91
N SER A 110 3.97 16.75 -2.26
CA SER A 110 3.30 17.89 -2.87
C SER A 110 3.02 18.99 -1.85
N GLY A 111 2.50 20.11 -2.37
CA GLY A 111 2.06 21.20 -1.51
C GLY A 111 0.81 20.88 -0.69
N ILE A 112 0.17 19.75 -0.94
CA ILE A 112 -0.97 19.35 -0.12
C ILE A 112 -0.51 19.10 1.31
N ARG A 113 0.80 18.86 1.52
CA ARG A 113 1.36 18.84 2.86
C ARG A 113 0.89 20.05 3.68
N GLU A 114 0.86 21.23 3.07
CA GLU A 114 0.42 22.42 3.81
C GLU A 114 -1.06 22.35 4.14
N THR A 115 -1.66 21.72 3.42
CA THR A 115 -3.10 21.69 3.44
C THR A 115 -3.61 20.84 4.56
N ILE A 116 -2.92 19.63 4.63
CA ILE A 116 -3.13 18.65 5.66
C ILE A 116 -2.63 19.22 7.00
N ARG A 117 -1.48 19.90 6.99
CA ARG A 117 -0.95 20.47 8.21
C ARG A 117 -1.93 21.46 8.82
N TYR A 118 -2.58 22.25 7.98
CA TYR A 118 -3.58 23.19 8.47
C TYR A 118 -4.71 22.48 9.21
N LEU A 119 -5.25 21.41 8.61
CA LEU A 119 -6.34 20.68 9.25
C LEU A 119 -5.93 20.12 10.60
N VAL A 120 -4.72 19.56 10.68
CA VAL A 120 -4.24 18.95 11.93
C VAL A 120 -3.89 20.01 12.97
N GLN A 121 -3.26 21.10 12.53
CA GLN A 121 -2.95 22.21 13.43
C GLN A 121 -4.19 22.71 14.17
N HIS A 122 -5.33 22.74 13.49
CA HIS A 122 -6.56 23.26 14.08
C HIS A 122 -7.49 22.16 14.57
N ASN A 123 -6.96 20.95 14.74
CA ASN A 123 -7.68 19.88 15.42
C ASN A 123 -8.98 19.53 14.71
N MET A 124 -8.97 19.67 13.38
CA MET A 124 -10.19 19.47 12.60
C MET A 124 -10.46 18.02 12.23
N VAL A 125 -9.46 17.14 12.31
CA VAL A 125 -9.69 15.73 12.09
C VAL A 125 -9.15 14.98 13.30
N ASP A 126 -9.50 13.70 13.40
CA ASP A 126 -9.27 12.95 14.62
C ASP A 126 -8.24 11.83 14.50
N VAL A 127 -8.05 11.29 13.29
CA VAL A 127 -7.16 10.17 13.05
C VAL A 127 -6.53 10.39 11.67
N LEU A 128 -5.21 10.17 11.59
CA LEU A 128 -4.45 10.26 10.36
C LEU A 128 -3.98 8.86 10.00
N VAL A 129 -4.07 8.52 8.71
CA VAL A 129 -3.45 7.31 8.20
C VAL A 129 -2.64 7.66 6.96
N THR A 130 -1.38 7.27 6.92
CA THR A 130 -0.56 7.48 5.76
C THR A 130 0.49 6.39 5.68
N THR A 131 1.19 6.37 4.58
CA THR A 131 2.28 5.43 4.39
C THR A 131 3.57 6.05 4.90
N ALA A 132 4.64 5.24 4.90
CA ALA A 132 5.91 5.69 5.47
C ALA A 132 6.38 6.99 4.82
N GLY A 133 6.36 7.06 3.48
CA GLY A 133 6.82 8.28 2.85
C GLY A 133 6.01 9.48 3.31
N GLY A 134 4.74 9.25 3.62
CA GLY A 134 3.90 10.33 4.06
C GLY A 134 4.25 10.84 5.47
N VAL A 135 5.04 10.07 6.21
CA VAL A 135 5.59 10.54 7.50
C VAL A 135 6.91 11.25 7.24
N GLU A 136 7.87 10.52 6.66
CA GLU A 136 9.24 11.03 6.59
C GLU A 136 9.39 12.29 5.72
N GLU A 137 8.66 12.42 4.59
CA GLU A 137 8.86 13.59 3.75
CA GLU A 137 8.86 13.59 3.76
C GLU A 137 8.34 14.87 4.41
N ASP A 138 7.40 14.76 5.35
CA ASP A 138 7.00 15.95 6.12
C ASP A 138 8.13 16.41 7.04
N LEU A 139 8.85 15.45 7.63
CA LEU A 139 9.95 15.79 8.52
C LEU A 139 11.11 16.35 7.71
N ILE A 140 11.40 15.72 6.57
CA ILE A 140 12.53 16.15 5.75
C ILE A 140 12.30 17.57 5.24
N LYS A 141 11.05 17.94 4.96
CA LYS A 141 10.75 19.28 4.48
C LYS A 141 11.06 20.35 5.51
N CYS A 142 11.17 19.97 6.78
CA CYS A 142 11.62 20.92 7.80
C CYS A 142 13.11 21.12 7.75
N LEU A 143 13.85 20.22 7.08
CA LEU A 143 15.29 20.33 6.93
C LEU A 143 15.72 20.87 5.59
N ALA A 144 14.99 20.55 4.51
CA ALA A 144 15.38 20.95 3.17
C ALA A 144 14.20 20.81 2.23
N PRO A 145 14.12 21.60 1.18
CA PRO A 145 12.92 21.62 0.35
C PRO A 145 12.91 20.59 -0.78
N THR A 146 11.70 20.38 -1.27
CA THR A 146 11.40 19.64 -2.48
C THR A 146 11.23 20.65 -3.60
N TYR A 147 11.64 20.28 -4.83
CA TYR A 147 11.64 21.21 -5.97
C TYR A 147 10.71 20.73 -7.09
N LEU A 148 10.26 21.69 -7.88
CA LEU A 148 9.49 21.39 -9.09
C LEU A 148 10.39 20.89 -10.21
N GLY A 149 9.87 19.92 -10.95
CA GLY A 149 10.57 19.35 -12.11
C GLY A 149 9.55 19.01 -13.16
N GLU A 150 9.73 17.86 -13.82
CA GLU A 150 8.82 17.38 -14.85
C GLU A 150 8.77 15.87 -14.77
N PHE A 151 7.64 15.29 -15.18
CA PHE A 151 7.55 13.82 -15.17
C PHE A 151 8.53 13.17 -16.14
N SER A 152 8.86 13.83 -17.24
CA SER A 152 9.60 13.16 -18.29
C SER A 152 11.11 13.18 -18.08
N LEU A 153 11.61 13.72 -16.97
CA LEU A 153 13.05 13.79 -16.79
C LEU A 153 13.62 12.38 -16.66
N ARG A 154 14.73 12.14 -17.35
CA ARG A 154 15.26 10.79 -17.46
C ARG A 154 16.04 10.37 -16.21
N GLY A 155 15.83 9.12 -15.81
CA GLY A 155 16.35 8.65 -14.54
C GLY A 155 17.87 8.53 -14.53
N LYS A 156 18.46 8.15 -15.66
CA LYS A 156 19.93 8.05 -15.72
C LYS A 156 20.57 9.38 -15.36
N GLU A 157 20.16 10.46 -16.04
CA GLU A 157 20.77 11.75 -15.79
CA GLU A 157 20.76 11.76 -15.79
C GLU A 157 20.46 12.24 -14.38
N LEU A 158 19.26 12.00 -13.88
CA LEU A 158 18.93 12.42 -12.52
C LEU A 158 19.79 11.68 -11.51
N ARG A 159 19.90 10.35 -11.68
CA ARG A 159 20.69 9.54 -10.78
C ARG A 159 22.14 9.98 -10.80
N GLU A 160 22.67 10.30 -11.97
CA GLU A 160 24.07 10.73 -12.05
C GLU A 160 24.28 12.05 -11.32
N ASN A 161 23.22 12.83 -11.13
CA ASN A 161 23.32 14.10 -10.43
C ASN A 161 22.81 14.02 -8.99
N GLY A 162 22.56 12.81 -8.49
CA GLY A 162 22.06 12.66 -7.13
C GLY A 162 20.71 13.31 -6.90
N ILE A 163 19.83 13.24 -7.90
CA ILE A 163 18.49 13.80 -7.76
C ILE A 163 17.46 12.69 -7.93
N ASN A 164 16.51 12.65 -7.00
CA ASN A 164 15.45 11.64 -6.98
C ASN A 164 14.12 12.22 -7.45
N ARG A 165 13.40 11.50 -8.31
CA ARG A 165 12.15 12.03 -8.85
C ARG A 165 10.94 11.43 -8.16
N ILE A 166 9.95 12.29 -7.88
CA ILE A 166 8.67 11.89 -7.32
C ILE A 166 7.63 12.54 -8.22
N GLY A 167 7.21 11.83 -9.28
CA GLY A 167 6.28 12.45 -10.22
C GLY A 167 6.97 13.58 -10.96
N ASN A 168 6.46 14.81 -10.86
CA ASN A 168 7.16 15.95 -11.43
C ASN A 168 7.87 16.77 -10.37
N LEU A 169 8.17 16.14 -9.24
CA LEU A 169 8.91 16.77 -8.15
C LEU A 169 10.29 16.14 -8.03
N LEU A 170 11.20 16.89 -7.38
CA LEU A 170 12.58 16.45 -7.30
C LEU A 170 13.11 16.63 -5.88
N VAL A 171 13.85 15.64 -5.36
CA VAL A 171 14.44 15.69 -4.04
CA VAL A 171 14.46 15.72 -4.06
C VAL A 171 15.91 15.34 -4.16
N PRO A 172 16.86 16.23 -3.79
CA PRO A 172 18.27 15.87 -3.83
C PRO A 172 18.59 14.79 -2.81
N ASN A 173 19.60 13.98 -3.12
CA ASN A 173 20.04 12.97 -2.17
C ASN A 173 20.40 13.61 -0.83
N GLU A 174 20.96 14.83 -0.86
CA GLU A 174 21.40 15.48 0.37
C GLU A 174 20.27 15.65 1.38
N ASN A 175 19.03 15.64 0.94
CA ASN A 175 17.94 15.77 1.86
C ASN A 175 17.93 14.58 2.81
N TYR A 176 18.22 13.40 2.30
CA TYR A 176 18.23 12.17 3.08
C TYR A 176 19.45 12.09 3.98
N CSS A 177 20.51 12.78 3.58
CA CSS A 177 21.73 12.86 4.44
CB CSS A 177 22.90 13.43 3.70
SG CSS A 177 23.60 12.36 2.42
SD CSS A 177 23.60 10.55 3.31
C CSS A 177 21.36 13.71 5.64
O CSS A 177 21.66 13.32 6.73
HD CSS A 177 24.12 9.83 2.33
N LYS A 178 20.67 14.82 5.44
CA LYS A 178 20.28 15.66 6.56
C LYS A 178 19.30 14.93 7.47
N PHE A 179 18.39 14.16 6.89
CA PHE A 179 17.47 13.34 7.64
C PHE A 179 18.20 12.35 8.51
N GLU A 180 19.22 11.68 7.94
CA GLU A 180 19.99 10.71 8.72
C GLU A 180 20.60 11.38 9.95
N ASP A 181 21.25 12.52 9.75
CA ASP A 181 21.94 13.19 10.85
C ASP A 181 20.97 13.58 11.95
N TRP A 182 19.75 14.00 11.56
CA TRP A 182 18.74 14.40 12.52
C TRP A 182 18.17 13.18 13.26
N LEU A 183 17.99 12.07 12.55
CA LEU A 183 17.22 10.96 13.10
C LEU A 183 18.03 10.01 13.96
N MET A 184 19.32 9.80 13.68
CA MET A 184 20.03 8.74 14.38
C MET A 184 20.09 8.95 15.88
N PRO A 185 20.32 10.15 16.41
CA PRO A 185 20.28 10.32 17.88
C PRO A 185 18.93 10.06 18.49
N ILE A 186 17.83 10.27 17.74
CA ILE A 186 16.50 9.96 18.24
C ILE A 186 16.28 8.46 18.30
N LEU A 187 16.71 7.74 17.25
CA LEU A 187 16.65 6.29 17.32
C LEU A 187 17.47 5.74 18.51
N ASP A 188 18.63 6.35 18.81
CA ASP A 188 19.38 5.96 20.00
C ASP A 188 18.52 6.07 21.26
N GLN A 189 17.84 7.20 21.41
N GLN A 189 17.84 7.19 21.41
CA GLN A 189 17.01 7.39 22.60
CA GLN A 189 17.02 7.38 22.61
C GLN A 189 15.86 6.39 22.63
C GLN A 189 15.87 6.38 22.62
N MET A 190 15.29 6.09 21.46
CA MET A 190 14.18 5.13 21.42
C MET A 190 14.62 3.76 21.87
N VAL A 191 15.80 3.30 21.43
CA VAL A 191 16.27 1.99 21.88
C VAL A 191 16.50 1.99 23.38
N MET A 192 17.07 3.06 23.88
CA MET A 192 17.36 3.16 25.31
CA MET A 192 17.36 3.16 25.31
C MET A 192 16.07 3.15 26.12
N GLU A 193 15.04 3.85 25.64
CA GLU A 193 13.79 3.90 26.39
C GLU A 193 13.07 2.56 26.34
N GLN A 194 13.16 1.86 25.22
CA GLN A 194 12.56 0.53 25.13
C GLN A 194 13.21 -0.43 26.12
N ASN A 195 14.54 -0.38 26.24
CA ASN A 195 15.26 -1.42 26.96
C ASN A 195 15.32 -1.14 28.46
N THR A 196 15.18 0.12 28.88
CA THR A 196 15.29 0.47 30.28
C THR A 196 14.12 1.24 30.86
N GLU A 197 13.14 1.66 30.06
CA GLU A 197 11.96 2.35 30.56
C GLU A 197 10.69 1.64 30.13
N GLY A 198 10.82 0.43 29.61
CA GLY A 198 9.70 -0.39 29.23
C GLY A 198 8.87 0.08 28.06
N VAL A 199 9.37 1.01 27.24
CA VAL A 199 8.56 1.50 26.13
C VAL A 199 8.40 0.40 25.09
N LYS A 200 7.16 0.17 24.68
CA LYS A 200 6.84 -0.81 23.61
C LYS A 200 6.51 0.04 22.37
N TRP A 201 7.44 0.22 21.45
CA TRP A 201 7.21 1.10 20.30
C TRP A 201 6.26 0.48 19.29
N THR A 202 5.43 1.34 18.72
CA THR A 202 4.57 1.05 17.58
C THR A 202 4.77 2.16 16.58
N PRO A 203 4.28 2.01 15.34
CA PRO A 203 4.39 3.13 14.42
C PRO A 203 3.74 4.41 14.92
N SER A 204 2.51 4.35 15.45
CA SER A 204 1.89 5.59 15.89
C SER A 204 2.70 6.24 17.02
N LYS A 205 3.28 5.43 17.91
CA LYS A 205 4.05 6.03 19.01
C LYS A 205 5.33 6.67 18.48
N MET A 206 5.97 6.01 17.51
CA MET A 206 7.16 6.57 16.90
C MET A 206 6.83 7.87 16.18
N ILE A 207 5.72 7.91 15.42
CA ILE A 207 5.38 9.11 14.68
C ILE A 207 5.10 10.28 15.61
N ALA A 208 4.46 10.00 16.74
CA ALA A 208 4.24 11.06 17.75
C ALA A 208 5.58 11.60 18.24
N ARG A 209 6.53 10.71 18.50
CA ARG A 209 7.83 11.15 19.02
C ARG A 209 8.58 11.95 17.97
N LEU A 210 8.56 11.50 16.70
CA LEU A 210 9.26 12.26 15.67
C LEU A 210 8.64 13.65 15.49
N GLY A 211 7.32 13.73 15.56
CA GLY A 211 6.66 15.04 15.48
C GLY A 211 7.08 15.93 16.64
N LYS A 212 7.18 15.37 17.84
CA LYS A 212 7.64 16.19 18.96
C LYS A 212 9.08 16.64 18.75
N GLU A 213 9.94 15.74 18.30
CA GLU A 213 11.34 16.08 18.07
C GLU A 213 11.52 17.11 16.96
N ILE A 214 10.75 17.02 15.87
CA ILE A 214 11.00 17.93 14.77
C ILE A 214 10.71 19.37 15.20
N ASN A 215 9.75 19.55 16.08
CA ASN A 215 9.60 20.79 16.85
C ASN A 215 9.52 22.00 15.93
N ASN A 216 8.64 21.90 14.93
CA ASN A 216 8.62 22.86 13.86
C ASN A 216 7.16 23.02 13.41
N PRO A 217 6.61 24.23 13.45
CA PRO A 217 5.19 24.38 13.15
C PRO A 217 4.83 24.21 11.69
N GLU A 218 5.79 23.98 10.78
CA GLU A 218 5.44 23.63 9.41
CA GLU A 218 5.44 23.63 9.41
C GLU A 218 5.12 22.14 9.27
N SER A 219 5.37 21.35 10.32
CA SER A 219 5.25 19.89 10.25
C SER A 219 3.85 19.42 10.64
N VAL A 220 3.25 18.58 9.78
CA VAL A 220 2.01 17.87 10.10
C VAL A 220 2.13 17.15 11.45
N TYR A 221 3.20 16.37 11.61
CA TYR A 221 3.29 15.45 12.75
C TYR A 221 3.66 16.18 14.03
N TYR A 222 4.31 17.34 13.93
CA TYR A 222 4.42 18.20 15.09
C TYR A 222 3.03 18.57 15.62
N TRP A 223 2.16 19.06 14.74
CA TRP A 223 0.82 19.40 15.19
C TRP A 223 0.03 18.17 15.62
N ALA A 224 0.19 17.03 14.94
CA ALA A 224 -0.59 15.86 15.33
C ALA A 224 -0.32 15.47 16.79
N GLN A 225 0.95 15.38 17.17
CA GLN A 225 1.23 14.96 18.54
C GLN A 225 0.83 16.03 19.54
N LYS A 226 0.93 17.28 19.18
CA LYS A 226 0.54 18.38 20.09
C LYS A 226 -0.96 18.30 20.37
N ASN A 227 -1.76 17.91 19.38
CA ASN A 227 -3.21 17.88 19.46
C ASN A 227 -3.73 16.48 19.75
N HIS A 228 -2.84 15.53 20.03
CA HIS A 228 -3.23 14.15 20.34
C HIS A 228 -4.07 13.54 19.22
N ILE A 229 -3.63 13.79 17.99
CA ILE A 229 -4.18 13.12 16.82
C ILE A 229 -3.23 11.96 16.50
N PRO A 230 -3.66 10.71 16.63
CA PRO A 230 -2.75 9.59 16.33
C PRO A 230 -2.57 9.41 14.82
N VAL A 231 -1.40 8.89 14.45
CA VAL A 231 -1.07 8.61 13.06
C VAL A 231 -0.78 7.12 12.95
N PHE A 232 -1.53 6.42 12.10
CA PHE A 232 -1.33 5.00 11.89
C PHE A 232 -0.66 4.82 10.54
N SER A 233 0.26 3.88 10.48
CA SER A 233 1.10 3.65 9.31
C SER A 233 1.69 2.25 9.47
N PRO A 234 0.88 1.22 9.27
CA PRO A 234 1.36 -0.13 9.55
C PRO A 234 2.57 -0.62 8.78
N ALA A 235 2.94 -0.02 7.66
CA ALA A 235 4.14 -0.41 6.94
C ALA A 235 5.12 0.74 7.05
N LEU A 236 5.35 1.19 8.26
CA LEU A 236 6.20 2.36 8.44
C LEU A 236 7.63 2.10 8.00
N THR A 237 8.04 0.86 7.88
CA THR A 237 9.39 0.60 7.45
C THR A 237 9.61 0.69 5.95
N ASP A 238 8.59 0.98 5.18
CA ASP A 238 8.72 0.98 3.74
C ASP A 238 9.04 2.33 3.19
N GLY A 239 10.28 2.73 3.34
CA GLY A 239 10.74 4.05 2.94
C GLY A 239 12.05 4.41 3.60
N SER A 240 12.34 5.71 3.65
CA SER A 240 13.62 6.16 4.21
C SER A 240 13.70 5.98 5.72
N LEU A 241 12.60 6.20 6.44
CA LEU A 241 12.63 5.87 7.87
C LEU A 241 13.02 4.42 8.08
N GLY A 242 12.54 3.54 7.19
CA GLY A 242 13.00 2.15 7.23
C GLY A 242 14.49 2.02 6.94
N ASP A 243 14.96 2.70 5.89
CA ASP A 243 16.39 2.63 5.58
C ASP A 243 17.20 3.00 6.82
N MET A 244 16.79 4.08 7.48
CA MET A 244 17.54 4.58 8.62
C MET A 244 17.44 3.65 9.82
N ILE A 245 16.24 3.11 10.05
CA ILE A 245 16.09 2.13 11.13
C ILE A 245 16.99 0.93 10.86
N PHE A 246 17.03 0.50 9.59
CA PHE A 246 17.85 -0.63 9.17
C PHE A 246 19.34 -0.35 9.43
N PHE A 247 19.85 0.79 8.95
CA PHE A 247 21.26 1.09 9.15
C PHE A 247 21.54 1.26 10.64
N HIS A 248 20.64 1.98 11.32
CA HIS A 248 20.84 2.20 12.76
C HIS A 248 20.97 0.88 13.51
N SER A 249 20.20 -0.13 13.12
CA SER A 249 20.18 -1.38 13.88
C SER A 249 21.49 -2.13 13.84
N TYR A 250 22.37 -1.86 12.88
CA TYR A 250 23.69 -2.49 12.89
C TYR A 250 24.69 -1.74 13.78
N LYS A 251 24.35 -0.52 14.17
CA LYS A 251 25.10 0.30 15.13
C LYS A 251 24.55 0.20 16.54
N ASN A 252 23.25 -0.07 16.68
CA ASN A 252 22.56 -0.02 17.97
C ASN A 252 21.40 -0.98 17.86
N PRO A 253 21.66 -2.28 18.03
CA PRO A 253 20.61 -3.26 17.73
C PRO A 253 19.49 -3.25 18.74
N GLY A 254 18.34 -3.76 18.31
CA GLY A 254 17.28 -4.11 19.24
C GLY A 254 15.95 -3.39 19.07
N LEU A 255 15.85 -2.31 18.28
CA LEU A 255 14.56 -1.62 18.18
C LEU A 255 13.51 -2.57 17.62
N VAL A 256 12.33 -2.59 18.25
CA VAL A 256 11.18 -3.37 17.81
C VAL A 256 10.02 -2.41 17.55
N LEU A 257 9.31 -2.60 16.42
CA LEU A 257 8.09 -1.85 16.14
C LEU A 257 6.96 -2.85 15.96
N ASP A 258 6.02 -2.83 16.90
CA ASP A 258 4.91 -3.76 16.95
C ASP A 258 3.74 -3.16 16.17
N ILE A 259 3.13 -3.94 15.27
CA ILE A 259 1.93 -3.44 14.60
C ILE A 259 0.64 -3.90 15.25
N VAL A 260 0.69 -4.85 16.18
CA VAL A 260 -0.54 -5.36 16.78
C VAL A 260 -1.21 -4.30 17.67
N GLU A 261 -0.46 -3.66 18.57
CA GLU A 261 -1.10 -2.70 19.47
CA GLU A 261 -1.06 -2.67 19.47
C GLU A 261 -1.72 -1.54 18.69
N ASP A 262 -1.11 -1.13 17.56
CA ASP A 262 -1.67 -0.04 16.77
C ASP A 262 -2.99 -0.46 16.11
N LEU A 263 -3.14 -1.75 15.82
CA LEU A 263 -4.42 -2.24 15.32
C LEU A 263 -5.51 -2.08 16.37
N ARG A 264 -5.17 -2.35 17.64
CA ARG A 264 -6.13 -2.12 18.72
C ARG A 264 -6.49 -0.64 18.82
N LEU A 265 -5.52 0.26 18.67
CA LEU A 265 -5.82 1.68 18.84
C LEU A 265 -6.70 2.21 17.70
N ILE A 266 -6.40 1.86 16.45
CA ILE A 266 -7.21 2.41 15.36
C ILE A 266 -8.62 1.83 15.43
N ASN A 267 -8.74 0.52 15.69
CA ASN A 267 -10.06 -0.09 15.67
C ASN A 267 -10.95 0.46 16.78
N THR A 268 -10.38 0.72 17.96
CA THR A 268 -11.23 1.26 19.02
C THR A 268 -11.64 2.70 18.74
N GLN A 269 -10.87 3.44 17.96
CA GLN A 269 -11.32 4.74 17.51
C GLN A 269 -12.61 4.63 16.70
N ALA A 270 -12.72 3.60 15.87
CA ALA A 270 -13.96 3.44 15.12
C ALA A 270 -15.07 2.89 16.01
N ILE A 271 -14.74 1.90 16.84
CA ILE A 271 -15.80 1.19 17.56
C ILE A 271 -16.53 2.12 18.52
N PHE A 272 -15.81 3.00 19.15
CA PHE A 272 -16.40 3.86 20.16
C PHE A 272 -16.80 5.23 19.70
N ALA A 273 -16.94 5.41 18.42
CA ALA A 273 -17.33 6.69 17.93
C ALA A 273 -18.82 6.83 17.90
N LYS A 274 -19.29 8.06 17.97
CA LYS A 274 -20.71 8.35 17.86
C LYS A 274 -21.08 8.21 16.39
N CYS A 275 -20.31 8.86 15.55
CA CYS A 275 -20.44 8.78 14.10
C CYS A 275 -19.02 8.83 13.53
N THR A 276 -18.85 8.38 12.31
CA THR A 276 -17.53 8.53 11.68
C THR A 276 -17.67 9.05 10.26
N GLY A 277 -16.64 9.76 9.84
CA GLY A 277 -16.48 10.12 8.44
C GLY A 277 -15.10 9.74 7.99
N MET A 278 -14.99 9.40 6.72
CA MET A 278 -13.72 9.07 6.10
C MET A 278 -13.45 10.04 4.97
N ILE A 279 -12.27 10.62 4.95
CA ILE A 279 -11.81 11.47 3.85
C ILE A 279 -10.52 10.81 3.39
N ILE A 280 -10.52 10.24 2.18
CA ILE A 280 -9.43 9.36 1.78
C ILE A 280 -8.86 9.88 0.46
N LEU A 281 -7.62 10.26 0.48
CA LEU A 281 -6.92 10.77 -0.68
C LEU A 281 -5.96 9.71 -1.19
N GLY A 282 -6.25 9.10 -2.32
CA GLY A 282 -5.41 8.04 -2.83
C GLY A 282 -5.93 6.69 -2.47
N GLY A 283 -5.18 5.66 -2.80
CA GLY A 283 -5.58 4.30 -2.52
C GLY A 283 -4.56 3.52 -1.73
N GLY A 284 -4.48 2.22 -1.91
CA GLY A 284 -3.52 1.45 -1.17
C GLY A 284 -3.89 1.21 0.27
N VAL A 285 -2.91 0.97 1.09
CA VAL A 285 -3.15 0.68 2.46
C VAL A 285 -3.84 1.77 3.25
N VAL A 286 -3.62 3.00 2.89
N VAL A 286 -3.65 3.03 2.89
CA VAL A 286 -4.26 4.09 3.61
CA VAL A 286 -4.30 4.07 3.66
C VAL A 286 -5.78 3.95 3.50
C VAL A 286 -5.80 4.00 3.48
N LYS A 287 -6.25 3.68 2.30
CA LYS A 287 -7.66 3.58 2.06
C LYS A 287 -8.24 2.34 2.71
N HIS A 288 -7.59 1.23 2.53
CA HIS A 288 -8.12 -0.03 3.05
C HIS A 288 -8.11 -0.02 4.58
N HIS A 289 -7.07 0.56 5.18
CA HIS A 289 -6.91 0.47 6.63
C HIS A 289 -7.95 1.30 7.36
N ILE A 290 -8.24 2.50 6.83
CA ILE A 290 -9.35 3.30 7.38
C ILE A 290 -10.68 2.60 7.18
N ALA A 291 -10.91 2.05 5.98
CA ALA A 291 -12.19 1.44 5.71
C ALA A 291 -12.38 0.19 6.54
N ASN A 292 -11.32 -0.62 6.71
CA ASN A 292 -11.48 -1.82 7.51
C ASN A 292 -11.75 -1.50 8.98
N ALA A 293 -11.09 -0.48 9.54
CA ALA A 293 -11.41 -0.06 10.90
C ALA A 293 -12.90 0.28 11.03
N ASN A 294 -13.48 0.90 10.00
CA ASN A 294 -14.87 1.31 10.12
C ASN A 294 -15.83 0.14 9.93
N LEU A 295 -15.38 -0.98 9.35
CA LEU A 295 -16.21 -2.18 9.35
C LEU A 295 -16.49 -2.66 10.77
N MET A 296 -15.59 -2.34 11.70
CA MET A 296 -15.77 -2.77 13.08
CA MET A 296 -15.78 -2.77 13.09
C MET A 296 -17.04 -2.21 13.71
N ARG A 297 -17.51 -1.06 13.23
CA ARG A 297 -18.75 -0.46 13.70
C ARG A 297 -19.89 -0.65 12.70
N ASN A 298 -19.69 -1.54 11.73
CA ASN A 298 -20.61 -1.80 10.61
C ASN A 298 -20.82 -0.55 9.75
N GLY A 299 -19.80 0.31 9.70
CA GLY A 299 -19.69 1.24 8.60
C GLY A 299 -19.61 2.70 8.98
N ALA A 300 -18.89 3.45 8.14
CA ALA A 300 -18.82 4.90 8.28
C ALA A 300 -20.14 5.55 7.89
N ASP A 301 -20.44 6.67 8.55
CA ASP A 301 -21.66 7.42 8.24
C ASP A 301 -21.47 8.36 7.07
N TYR A 302 -20.23 8.82 6.84
CA TYR A 302 -19.92 9.73 5.75
C TYR A 302 -18.60 9.30 5.11
N ALA A 303 -18.47 9.48 3.80
CA ALA A 303 -17.21 9.14 3.17
C ALA A 303 -17.01 9.90 1.87
N VAL A 304 -15.79 10.38 1.68
CA VAL A 304 -15.33 11.03 0.45
C VAL A 304 -14.04 10.37 0.06
N TYR A 305 -13.96 9.88 -1.18
CA TYR A 305 -12.73 9.40 -1.79
C TYR A 305 -12.31 10.42 -2.86
N ILE A 306 -11.03 10.77 -2.91
CA ILE A 306 -10.49 11.51 -4.05
C ILE A 306 -9.31 10.74 -4.56
N ASN A 307 -9.42 10.17 -5.75
CA ASN A 307 -8.28 9.46 -6.33
C ASN A 307 -8.53 9.27 -7.81
N THR A 308 -7.49 8.82 -8.50
CA THR A 308 -7.56 8.61 -9.95
C THR A 308 -7.53 7.13 -10.33
N ALA A 309 -7.65 6.24 -9.37
CA ALA A 309 -7.61 4.81 -9.64
C ALA A 309 -8.93 4.36 -10.26
N GLN A 310 -8.86 3.35 -11.11
CA GLN A 310 -10.05 2.86 -11.81
C GLN A 310 -10.39 1.45 -11.34
N GLU A 311 -11.68 1.08 -11.44
CA GLU A 311 -12.14 -0.13 -10.79
C GLU A 311 -11.78 -1.40 -11.55
N PHE A 312 -11.53 -1.30 -12.86
CA PHE A 312 -11.69 -2.45 -13.73
C PHE A 312 -10.70 -3.58 -13.49
N ASP A 313 -9.56 -3.32 -12.84
CA ASP A 313 -8.59 -4.37 -12.55
C ASP A 313 -8.88 -5.02 -11.20
N GLY A 314 -9.99 -4.65 -10.57
CA GLY A 314 -10.44 -5.26 -9.33
C GLY A 314 -9.69 -4.79 -8.11
N SER A 315 -8.81 -3.81 -8.26
CA SER A 315 -7.97 -3.41 -7.11
C SER A 315 -8.79 -2.70 -6.06
N ASP A 316 -8.34 -2.79 -4.81
CA ASP A 316 -9.01 -2.03 -3.76
C ASP A 316 -8.88 -0.54 -4.00
N SER A 317 -7.71 -0.10 -4.49
CA SER A 317 -7.53 1.33 -4.75
C SER A 317 -8.62 1.89 -5.64
N GLY A 318 -8.98 1.14 -6.70
CA GLY A 318 -9.94 1.63 -7.67
C GLY A 318 -11.39 1.32 -7.35
N ALA A 319 -11.66 0.64 -6.25
CA ALA A 319 -13.03 0.26 -5.93
C ALA A 319 -13.85 1.52 -5.63
N ARG A 320 -15.09 1.53 -6.13
CA ARG A 320 -16.01 2.60 -5.84
C ARG A 320 -16.46 2.51 -4.38
N PRO A 321 -16.96 3.60 -3.81
CA PRO A 321 -17.51 3.51 -2.44
C PRO A 321 -18.53 2.39 -2.30
N ASP A 322 -19.26 2.09 -3.39
CA ASP A 322 -20.33 1.10 -3.26
C ASP A 322 -19.80 -0.32 -3.08
N GLU A 323 -18.54 -0.61 -3.44
CA GLU A 323 -17.98 -1.89 -3.04
C GLU A 323 -17.86 -1.95 -1.51
N ALA A 324 -17.39 -0.87 -0.89
CA ALA A 324 -17.24 -0.84 0.57
C ALA A 324 -18.56 -1.06 1.27
N VAL A 325 -19.66 -0.62 0.68
CA VAL A 325 -20.97 -0.88 1.27
C VAL A 325 -21.22 -2.38 1.37
N SER A 326 -20.83 -3.15 0.35
CA SER A 326 -21.13 -4.59 0.39
C SER A 326 -20.44 -5.24 1.59
N TRP A 327 -19.30 -4.69 2.00
CA TRP A 327 -18.51 -5.24 3.10
C TRP A 327 -19.01 -4.81 4.47
N GLY A 328 -19.82 -3.75 4.53
CA GLY A 328 -20.17 -3.12 5.79
C GLY A 328 -19.21 -2.03 6.20
N LYS A 329 -18.32 -1.59 5.30
CA LYS A 329 -17.34 -0.57 5.64
C LYS A 329 -17.93 0.83 5.53
N ILE A 330 -19.00 0.96 4.77
CA ILE A 330 -19.77 2.19 4.64
C ILE A 330 -21.23 1.82 4.85
N ARG A 331 -21.94 2.59 5.67
CA ARG A 331 -23.31 2.19 6.00
C ARG A 331 -24.17 2.19 4.74
N VAL A 332 -25.18 1.35 4.69
CA VAL A 332 -26.04 1.33 3.54
C VAL A 332 -26.84 2.59 3.38
N ASP A 333 -27.02 3.34 4.44
CA ASP A 333 -27.76 4.59 4.39
C ASP A 333 -26.86 5.80 4.18
N ALA A 334 -25.55 5.60 4.08
CA ALA A 334 -24.68 6.72 3.78
C ALA A 334 -24.85 7.14 2.34
N GLN A 335 -24.34 8.32 2.03
CA GLN A 335 -24.34 8.85 0.66
C GLN A 335 -22.90 9.21 0.29
N PRO A 336 -22.04 8.22 0.17
CA PRO A 336 -20.62 8.50 -0.08
C PRO A 336 -20.43 9.05 -1.48
N VAL A 337 -19.26 9.64 -1.67
CA VAL A 337 -18.91 10.32 -2.90
C VAL A 337 -17.47 9.98 -3.24
N LYS A 338 -17.23 9.69 -4.52
CA LYS A 338 -15.88 9.64 -5.05
C LYS A 338 -15.74 10.77 -6.08
N VAL A 339 -14.67 11.54 -5.94
CA VAL A 339 -14.23 12.49 -6.97
C VAL A 339 -13.05 11.87 -7.68
N TYR A 340 -13.18 11.66 -9.01
CA TYR A 340 -12.11 11.06 -9.81
C TYR A 340 -11.21 12.21 -10.25
N ALA A 341 -10.18 12.47 -9.49
CA ALA A 341 -9.27 13.53 -9.82
C ALA A 341 -8.01 13.55 -8.99
N ASP A 342 -6.98 14.15 -9.51
CA ASP A 342 -5.74 14.42 -8.74
C ASP A 342 -6.05 15.29 -7.52
N ALA A 343 -5.74 14.80 -6.32
CA ALA A 343 -6.07 15.58 -5.14
C ALA A 343 -5.26 16.86 -5.04
N SER A 344 -4.14 16.97 -5.75
CA SER A 344 -3.40 18.22 -5.66
C SER A 344 -4.23 19.36 -6.19
N LEU A 345 -5.15 19.06 -7.14
CA LEU A 345 -6.06 20.07 -7.65
C LEU A 345 -7.27 20.24 -6.75
N VAL A 346 -7.91 19.15 -6.35
CA VAL A 346 -9.24 19.24 -5.72
CA VAL A 346 -9.21 19.35 -5.73
C VAL A 346 -9.19 19.43 -4.20
N PHE A 347 -8.17 18.90 -3.55
CA PHE A 347 -8.27 18.96 -2.08
C PHE A 347 -8.19 20.39 -1.53
N PRO A 348 -7.34 21.28 -2.08
CA PRO A 348 -7.35 22.66 -1.55
C PRO A 348 -8.69 23.34 -1.76
N LEU A 349 -9.31 23.11 -2.93
CA LEU A 349 -10.65 23.67 -3.18
C LEU A 349 -11.68 23.10 -2.20
N LEU A 350 -11.60 21.80 -1.93
CA LEU A 350 -12.54 21.20 -0.98
C LEU A 350 -12.38 21.81 0.40
N VAL A 351 -11.14 21.94 0.85
CA VAL A 351 -10.91 22.50 2.19
C VAL A 351 -11.41 23.95 2.24
N ALA A 352 -11.21 24.66 1.15
CA ALA A 352 -11.60 26.06 1.09
C ALA A 352 -13.10 26.22 1.32
N GLU A 353 -13.88 25.29 0.80
CA GLU A 353 -15.33 25.36 0.87
C GLU A 353 -15.88 24.66 2.09
N THR A 354 -15.03 24.01 2.90
CA THR A 354 -15.56 23.27 4.03
C THR A 354 -14.89 23.69 5.32
N PHE A 355 -13.82 22.99 5.71
CA PHE A 355 -13.13 23.27 6.97
C PHE A 355 -12.73 24.73 7.10
N ALA A 356 -12.21 25.34 6.04
CA ALA A 356 -11.72 26.71 6.18
C ALA A 356 -12.85 27.70 6.38
N GLN A 357 -14.05 27.34 5.96
CA GLN A 357 -15.23 28.18 6.23
C GLN A 357 -15.73 28.06 7.65
N LYS A 358 -15.41 26.95 8.33
CA LYS A 358 -15.87 26.70 9.69
C LYS A 358 -14.79 26.99 10.70
N MET A 359 -13.76 27.74 10.30
CA MET A 359 -12.63 28.03 11.17
CA MET A 359 -12.64 28.01 11.17
C MET A 359 -13.09 28.64 12.49
N ASP A 360 -14.13 29.47 12.41
CA ASP A 360 -14.71 30.18 13.57
C ASP A 360 -15.01 29.21 14.70
N ALA A 361 -15.63 28.09 14.38
CA ALA A 361 -16.06 27.10 15.37
C ALA A 361 -14.91 26.24 15.90
N PHE A 362 -13.83 26.11 15.15
CA PHE A 362 -12.69 25.37 15.64
C PHE A 362 -11.73 26.26 16.46
N MET A 363 -12.20 27.43 16.88
CA MET A 363 -11.42 28.30 17.76
C MET A 363 -12.30 28.91 18.85
N SER B 28 16.20 -2.03 -36.85
CA SER B 28 14.95 -1.38 -37.13
C SER B 28 13.90 -2.45 -37.35
N THR B 29 13.02 -2.67 -36.42
CA THR B 29 12.06 -3.72 -36.58
C THR B 29 10.73 -3.18 -37.06
N GLN B 30 10.14 -3.81 -38.06
CA GLN B 30 8.94 -3.37 -38.65
C GLN B 30 7.69 -3.86 -37.95
N VAL B 31 6.64 -3.07 -37.94
CA VAL B 31 5.38 -3.49 -37.36
C VAL B 31 4.72 -4.54 -38.26
N ARG B 32 4.24 -5.64 -37.68
CA ARG B 32 3.53 -6.68 -38.41
CA ARG B 32 3.55 -6.69 -38.41
C ARG B 32 2.79 -7.55 -37.40
N GLY B 33 1.50 -7.73 -37.63
CA GLY B 33 0.70 -8.54 -36.74
C GLY B 33 0.67 -9.99 -37.20
N TYR B 34 0.19 -10.85 -36.29
CA TYR B 34 0.01 -12.25 -36.64
C TYR B 34 -1.00 -12.37 -37.77
N ASP B 35 -0.69 -13.23 -38.75
CA ASP B 35 -1.55 -13.45 -39.92
C ASP B 35 -2.33 -14.75 -39.73
N PHE B 36 -3.62 -14.63 -39.43
CA PHE B 36 -4.41 -15.81 -39.15
C PHE B 36 -4.68 -16.65 -40.40
N ASN B 37 -4.28 -16.18 -41.59
CA ASN B 37 -4.28 -17.11 -42.72
C ASN B 37 -3.35 -18.30 -42.49
N ARG B 38 -2.42 -18.20 -41.53
CA ARG B 38 -1.54 -19.30 -41.19
C ARG B 38 -2.23 -20.35 -40.34
N GLY B 39 -3.40 -20.01 -39.85
CA GLY B 39 -4.13 -20.83 -38.93
C GLY B 39 -3.86 -20.36 -37.51
N VAL B 40 -4.43 -21.02 -36.52
CA VAL B 40 -4.18 -20.61 -35.17
C VAL B 40 -3.00 -21.33 -34.55
N ASN B 41 -1.81 -20.84 -34.79
CA ASN B 41 -0.61 -21.35 -34.20
C ASN B 41 -0.38 -20.48 -32.99
N TYR B 42 -0.77 -20.95 -31.82
CA TYR B 42 -0.75 -20.12 -30.59
C TYR B 42 0.63 -19.56 -30.25
N ARG B 43 1.67 -20.37 -30.26
N ARG B 43 1.67 -20.37 -30.26
CA ARG B 43 2.98 -19.85 -29.93
CA ARG B 43 2.98 -19.86 -29.94
C ARG B 43 3.37 -18.72 -30.87
C ARG B 43 3.37 -18.72 -30.88
N ALA B 44 3.14 -18.89 -32.16
CA ALA B 44 3.48 -17.86 -33.13
C ALA B 44 2.64 -16.62 -32.92
N LEU B 45 1.38 -16.79 -32.54
CA LEU B 45 0.52 -15.65 -32.22
CA LEU B 45 0.51 -15.66 -32.21
C LEU B 45 1.05 -14.86 -31.04
N LEU B 46 1.47 -15.55 -29.98
CA LEU B 46 2.06 -14.86 -28.84
CA LEU B 46 2.05 -14.85 -28.84
C LEU B 46 3.37 -14.19 -29.22
N GLU B 47 4.21 -14.86 -30.00
CA GLU B 47 5.47 -14.25 -30.39
C GLU B 47 5.23 -12.99 -31.20
N ALA B 48 4.14 -12.95 -31.97
CA ALA B 48 3.85 -11.80 -32.81
C ALA B 48 3.45 -10.57 -32.00
N PHE B 49 3.17 -10.70 -30.69
CA PHE B 49 2.86 -9.50 -29.91
C PHE B 49 4.02 -8.52 -29.98
N GLY B 50 5.26 -9.04 -30.03
CA GLY B 50 6.43 -8.18 -30.01
C GLY B 50 6.46 -7.15 -31.12
N THR B 51 5.99 -7.50 -32.30
CA THR B 51 5.98 -6.59 -33.43
C THR B 51 4.60 -5.98 -33.69
N THR B 52 3.65 -6.15 -32.78
CA THR B 52 2.31 -5.62 -33.00
C THR B 52 2.18 -4.17 -32.54
N GLY B 53 2.97 -3.73 -31.57
CA GLY B 53 2.92 -2.34 -31.14
C GLY B 53 2.18 -2.16 -29.83
N PHE B 54 2.26 -0.93 -29.34
CA PHE B 54 1.61 -0.47 -28.11
C PHE B 54 1.89 -1.49 -27.00
N GLN B 55 0.90 -1.90 -26.21
CA GLN B 55 1.21 -2.78 -25.09
C GLN B 55 1.49 -4.21 -25.52
N ALA B 56 1.09 -4.63 -26.72
CA ALA B 56 1.55 -5.94 -27.15
C ALA B 56 3.06 -5.98 -27.30
N THR B 57 3.67 -4.90 -27.79
CA THR B 57 5.12 -4.87 -27.85
C THR B 57 5.73 -4.86 -26.44
N ASN B 58 5.12 -4.12 -25.53
CA ASN B 58 5.67 -4.12 -24.15
C ASN B 58 5.57 -5.51 -23.55
N PHE B 59 4.49 -6.23 -23.87
CA PHE B 59 4.38 -7.62 -23.45
C PHE B 59 5.55 -8.43 -24.00
N GLY B 60 5.86 -8.29 -25.29
CA GLY B 60 7.01 -9.00 -25.83
C GLY B 60 8.31 -8.65 -25.13
N ARG B 61 8.49 -7.37 -24.81
CA ARG B 61 9.68 -6.93 -24.06
CA ARG B 61 9.69 -6.95 -24.08
C ARG B 61 9.69 -7.52 -22.66
N ALA B 62 8.52 -7.67 -22.05
CA ALA B 62 8.46 -8.29 -20.72
C ALA B 62 8.84 -9.76 -20.77
N VAL B 63 8.41 -10.48 -21.81
CA VAL B 63 8.85 -11.87 -22.00
C VAL B 63 10.37 -11.94 -22.08
N GLN B 64 10.97 -11.04 -22.87
CA GLN B 64 12.44 -11.02 -22.98
C GLN B 64 13.09 -10.75 -21.63
N GLN B 65 12.54 -9.81 -20.87
CA GLN B 65 13.11 -9.45 -19.55
C GLN B 65 13.02 -10.62 -18.58
N VAL B 66 11.87 -11.26 -18.52
CA VAL B 66 11.73 -12.39 -17.62
C VAL B 66 12.59 -13.56 -18.09
N ASN B 67 12.64 -13.82 -19.40
CA ASN B 67 13.53 -14.89 -19.84
C ASN B 67 15.00 -14.58 -19.55
N ALA B 68 15.38 -13.30 -19.58
CA ALA B 68 16.73 -12.94 -19.17
C ALA B 68 16.96 -13.24 -17.69
N MET B 69 15.97 -12.98 -16.84
CA MET B 69 16.10 -13.33 -15.42
C MET B 69 16.28 -14.83 -15.24
N ILE B 70 15.52 -15.61 -15.99
CA ILE B 70 15.58 -17.06 -15.86
C ILE B 70 16.92 -17.57 -16.38
N GLU B 71 17.33 -17.09 -17.55
CA GLU B 71 18.61 -17.51 -18.10
C GLU B 71 19.73 -17.18 -17.12
N LYS B 72 19.66 -16.02 -16.48
CA LYS B 72 20.66 -15.67 -15.48
CA LYS B 72 20.66 -15.67 -15.49
C LYS B 72 20.57 -16.59 -14.28
N LYS B 73 19.35 -16.82 -13.78
CA LYS B 73 19.16 -17.68 -12.62
C LYS B 73 19.78 -19.06 -12.81
N LEU B 74 19.67 -19.62 -14.02
CA LEU B 74 20.18 -20.98 -14.23
C LEU B 74 21.67 -21.01 -14.53
N GLU B 75 22.51 -19.88 -14.61
N GLU B 75 22.33 -19.86 -14.63
CA GLU B 75 23.94 -19.91 -14.62
CA GLU B 75 23.75 -19.85 -14.88
C GLU B 75 24.39 -20.39 -13.25
C GLU B 75 24.44 -20.17 -13.56
N PRO B 76 25.44 -21.11 -13.43
CA PRO B 76 26.05 -21.50 -12.20
C PRO B 76 26.76 -20.33 -11.57
N LEU B 77 26.88 -20.42 -10.28
CA LEU B 77 27.64 -19.46 -9.50
C LEU B 77 29.13 -19.78 -9.62
N SER B 78 29.95 -18.77 -9.92
CA SER B 78 31.40 -18.96 -9.81
C SER B 78 31.78 -19.09 -8.34
N GLN B 79 33.03 -19.43 -8.09
CA GLN B 79 33.53 -19.52 -6.73
C GLN B 79 33.37 -18.22 -6.00
N ASP B 80 33.82 -17.16 -6.63
CA ASP B 80 33.72 -15.83 -6.02
C ASP B 80 32.27 -15.43 -5.78
N GLU B 81 31.42 -15.66 -6.77
CA GLU B 81 30.02 -15.26 -6.57
C GLU B 81 29.37 -16.10 -5.49
N ASP B 82 29.70 -17.39 -5.47
CA ASP B 82 29.12 -18.29 -4.47
C ASP B 82 29.50 -17.83 -3.07
N GLN B 83 30.75 -17.43 -2.88
CA GLN B 83 31.21 -16.95 -1.58
C GLN B 83 30.34 -15.80 -1.08
N HIS B 84 30.22 -14.75 -1.85
CA HIS B 84 29.46 -13.59 -1.43
C HIS B 84 27.99 -13.91 -1.24
N ALA B 85 27.41 -14.64 -2.18
CA ALA B 85 25.99 -14.97 -2.06
C ALA B 85 25.69 -15.83 -0.84
N ASP B 86 26.61 -16.70 -0.47
CA ASP B 86 26.47 -17.55 0.71
C ASP B 86 26.41 -16.76 2.02
N LEU B 87 26.63 -15.46 1.94
CA LEU B 87 26.71 -14.64 3.14
C LEU B 87 25.41 -14.40 3.86
N THR B 88 24.38 -15.15 3.51
CA THR B 88 23.14 -14.95 4.22
C THR B 88 22.83 -16.21 4.99
N GLN B 89 22.02 -16.06 6.03
CA GLN B 89 21.65 -17.16 6.89
C GLN B 89 20.42 -17.87 6.41
N SER B 90 20.04 -17.61 5.17
CA SER B 90 18.86 -18.19 4.55
C SER B 90 19.08 -19.67 4.27
N ARG B 91 18.11 -20.49 4.68
CA ARG B 91 18.13 -21.91 4.34
C ARG B 91 18.09 -22.14 2.84
N ARG B 92 17.56 -21.19 2.08
CA ARG B 92 17.29 -21.43 0.66
C ARG B 92 18.59 -21.36 -0.15
N PRO B 93 18.87 -22.35 -0.99
CA PRO B 93 20.08 -22.28 -1.83
C PRO B 93 20.07 -21.02 -2.69
N LEU B 94 21.22 -20.36 -2.77
CA LEU B 94 21.36 -19.16 -3.56
C LEU B 94 21.54 -19.53 -5.02
N THR B 95 21.03 -18.67 -5.90
CA THR B 95 21.16 -18.82 -7.34
C THR B 95 21.76 -17.55 -7.93
N SER B 96 21.93 -17.56 -9.25
CA SER B 96 22.57 -16.43 -9.91
C SER B 96 21.63 -15.28 -10.15
N CYS B 97 20.33 -15.44 -9.92
CA CYS B 97 19.42 -14.29 -9.98
C CYS B 97 18.31 -14.50 -8.96
N THR B 98 18.22 -13.59 -8.01
CA THR B 98 17.20 -13.64 -6.99
C THR B 98 16.01 -12.89 -7.54
N ILE B 99 14.87 -13.54 -7.64
CA ILE B 99 13.69 -12.95 -8.24
C ILE B 99 12.68 -12.64 -7.15
N PHE B 100 12.27 -11.36 -7.09
CA PHE B 100 11.28 -10.85 -6.17
C PHE B 100 9.95 -10.78 -6.92
N LEU B 101 8.92 -11.45 -6.39
CA LEU B 101 7.59 -11.44 -7.00
C LEU B 101 6.64 -10.72 -6.05
N GLY B 102 6.01 -9.64 -6.52
CA GLY B 102 5.07 -8.90 -5.72
C GLY B 102 3.70 -8.84 -6.38
N TYR B 103 2.67 -8.84 -5.55
CA TYR B 103 1.32 -8.86 -6.11
C TYR B 103 0.35 -8.34 -5.07
N THR B 104 -0.71 -7.70 -5.54
CA THR B 104 -1.74 -7.15 -4.69
C THR B 104 -2.78 -8.21 -4.34
N SER B 105 -3.59 -7.87 -3.33
CA SER B 105 -4.53 -8.84 -2.74
CA SER B 105 -4.49 -8.87 -2.75
C SER B 105 -5.56 -9.30 -3.75
N ASN B 106 -6.06 -8.38 -4.56
CA ASN B 106 -7.06 -8.74 -5.56
C ASN B 106 -6.59 -9.88 -6.45
N LEU B 107 -5.29 -9.95 -6.75
CA LEU B 107 -4.79 -11.01 -7.63
C LEU B 107 -4.87 -12.37 -6.97
N ILE B 108 -4.77 -12.42 -5.64
CA ILE B 108 -4.97 -13.71 -4.94
C ILE B 108 -6.44 -14.08 -4.88
N SER B 109 -7.34 -13.11 -4.86
CA SER B 109 -8.76 -13.44 -4.98
C SER B 109 -9.08 -13.96 -6.38
N SER B 110 -8.36 -13.47 -7.39
CA SER B 110 -8.50 -13.94 -8.78
C SER B 110 -7.87 -15.30 -8.99
N GLY B 111 -8.04 -15.83 -10.20
CA GLY B 111 -7.40 -17.10 -10.53
C GLY B 111 -5.90 -17.02 -10.74
N ILE B 112 -5.33 -15.80 -10.73
CA ILE B 112 -3.88 -15.64 -10.72
C ILE B 112 -3.26 -16.23 -9.46
N ARG B 113 -4.07 -16.51 -8.45
CA ARG B 113 -3.61 -17.32 -7.32
C ARG B 113 -2.99 -18.64 -7.80
N GLU B 114 -3.59 -19.30 -8.78
CA GLU B 114 -3.04 -20.57 -9.33
C GLU B 114 -1.71 -20.32 -10.02
N THR B 115 -1.58 -19.23 -10.75
CA THR B 115 -0.36 -18.89 -11.44
C THR B 115 0.77 -18.71 -10.46
N ILE B 116 0.53 -17.89 -9.43
CA ILE B 116 1.51 -17.65 -8.38
C ILE B 116 1.84 -18.94 -7.66
N ARG B 117 0.82 -19.72 -7.30
CA ARG B 117 1.10 -20.97 -6.62
C ARG B 117 2.07 -21.85 -7.41
N TYR B 118 1.87 -21.94 -8.73
CA TYR B 118 2.73 -22.78 -9.55
C TYR B 118 4.18 -22.31 -9.49
N LEU B 119 4.42 -21.01 -9.61
CA LEU B 119 5.79 -20.49 -9.59
C LEU B 119 6.46 -20.81 -8.25
N VAL B 120 5.72 -20.62 -7.18
CA VAL B 120 6.25 -20.85 -5.84
C VAL B 120 6.49 -22.34 -5.64
N GLN B 121 5.54 -23.16 -6.07
CA GLN B 121 5.65 -24.61 -5.93
C GLN B 121 6.95 -25.14 -6.56
N HIS B 122 7.35 -24.59 -7.69
CA HIS B 122 8.51 -25.09 -8.41
C HIS B 122 9.74 -24.21 -8.23
N ASN B 123 9.78 -23.41 -7.16
CA ASN B 123 10.99 -22.71 -6.78
C ASN B 123 11.46 -21.74 -7.85
N MET B 124 10.53 -21.19 -8.61
N MET B 124 10.52 -21.20 -8.63
CA MET B 124 10.91 -20.34 -9.74
CA MET B 124 10.89 -20.34 -9.75
C MET B 124 11.09 -18.87 -9.34
C MET B 124 11.11 -18.89 -9.34
N VAL B 125 10.66 -18.49 -8.15
CA VAL B 125 10.95 -17.16 -7.60
C VAL B 125 11.48 -17.36 -6.17
N ASP B 126 12.06 -16.29 -5.62
CA ASP B 126 12.82 -16.43 -4.38
C ASP B 126 12.28 -15.65 -3.21
N VAL B 127 11.55 -14.56 -3.46
CA VAL B 127 10.99 -13.71 -2.40
C VAL B 127 9.60 -13.31 -2.86
N LEU B 128 8.62 -13.43 -1.98
CA LEU B 128 7.29 -12.90 -2.23
C LEU B 128 7.03 -11.67 -1.38
N VAL B 129 6.33 -10.70 -1.97
CA VAL B 129 5.81 -9.55 -1.22
C VAL B 129 4.35 -9.37 -1.59
N THR B 130 3.49 -9.32 -0.59
CA THR B 130 2.08 -9.08 -0.81
C THR B 130 1.50 -8.32 0.36
N THR B 131 0.25 -7.92 0.19
CA THR B 131 -0.50 -7.31 1.27
C THR B 131 -1.24 -8.35 2.10
N ALA B 132 -1.88 -7.90 3.18
CA ALA B 132 -2.58 -8.81 4.08
C ALA B 132 -3.64 -9.63 3.36
N GLY B 133 -4.50 -8.97 2.57
CA GLY B 133 -5.47 -9.73 1.79
C GLY B 133 -4.81 -10.80 0.95
N GLY B 134 -3.62 -10.52 0.45
CA GLY B 134 -2.89 -11.46 -0.38
C GLY B 134 -2.42 -12.69 0.35
N VAL B 135 -2.33 -12.62 1.68
CA VAL B 135 -2.07 -13.83 2.45
C VAL B 135 -3.37 -14.54 2.77
N GLU B 136 -4.20 -13.86 3.48
CA GLU B 136 -5.49 -14.30 3.90
C GLU B 136 -6.28 -15.09 2.92
N GLU B 137 -6.50 -14.47 1.80
CA GLU B 137 -7.42 -15.02 0.81
C GLU B 137 -6.90 -16.31 0.18
N ASP B 138 -5.58 -16.52 0.14
CA ASP B 138 -5.05 -17.81 -0.29
C ASP B 138 -5.43 -18.91 0.69
N LEU B 139 -5.30 -18.62 1.97
CA LEU B 139 -5.67 -19.60 2.97
C LEU B 139 -7.16 -19.88 2.94
N ILE B 140 -7.96 -18.83 2.84
CA ILE B 140 -9.41 -19.02 2.89
C ILE B 140 -9.89 -19.83 1.70
N LYS B 141 -9.24 -19.66 0.52
CA LYS B 141 -9.62 -20.45 -0.63
C LYS B 141 -9.43 -21.94 -0.41
N CYS B 142 -8.59 -22.33 0.56
CA CYS B 142 -8.49 -23.75 0.89
C CYS B 142 -9.65 -24.21 1.75
N LEU B 143 -10.41 -23.28 2.32
CA LEU B 143 -11.59 -23.57 3.13
C LEU B 143 -12.91 -23.39 2.38
N ALA B 144 -12.97 -22.46 1.43
CA ALA B 144 -14.19 -22.19 0.67
C ALA B 144 -13.88 -21.32 -0.53
N PRO B 145 -14.63 -21.44 -1.62
CA PRO B 145 -14.27 -20.77 -2.87
C PRO B 145 -14.74 -19.32 -2.96
N THR B 146 -14.15 -18.63 -3.93
CA THR B 146 -14.56 -17.30 -4.38
C THR B 146 -15.34 -17.50 -5.66
N TYR B 147 -16.38 -16.67 -5.87
CA TYR B 147 -17.28 -16.81 -6.99
C TYR B 147 -17.20 -15.64 -7.96
N LEU B 148 -17.65 -15.88 -9.19
CA LEU B 148 -17.72 -14.83 -10.18
C LEU B 148 -18.99 -14.02 -10.00
N GLY B 149 -18.88 -12.70 -10.13
CA GLY B 149 -20.06 -11.84 -10.16
C GLY B 149 -19.92 -10.74 -11.21
N GLU B 150 -20.29 -9.51 -10.86
CA GLU B 150 -20.18 -8.35 -11.74
C GLU B 150 -19.77 -7.12 -10.94
N PHE B 151 -19.11 -6.15 -11.62
CA PHE B 151 -18.65 -4.95 -10.93
C PHE B 151 -19.84 -4.09 -10.48
N SER B 152 -20.93 -4.16 -11.22
CA SER B 152 -22.05 -3.25 -11.00
C SER B 152 -23.02 -3.68 -9.90
N LEU B 153 -22.83 -4.85 -9.29
CA LEU B 153 -23.74 -5.30 -8.24
C LEU B 153 -23.76 -4.30 -7.07
N ARG B 154 -24.94 -4.01 -6.57
CA ARG B 154 -25.10 -2.91 -5.61
C ARG B 154 -24.82 -3.37 -4.18
N GLY B 155 -24.05 -2.56 -3.46
CA GLY B 155 -23.59 -2.94 -2.14
C GLY B 155 -24.70 -3.21 -1.14
N LYS B 156 -25.78 -2.43 -1.19
CA LYS B 156 -26.85 -2.62 -0.23
C LYS B 156 -27.40 -4.05 -0.30
N GLU B 157 -27.79 -4.49 -1.50
CA GLU B 157 -28.39 -5.81 -1.64
C GLU B 157 -27.38 -6.90 -1.30
N LEU B 158 -26.12 -6.72 -1.71
CA LEU B 158 -25.09 -7.68 -1.35
C LEU B 158 -24.95 -7.77 0.15
N ARG B 159 -24.82 -6.61 0.82
CA ARG B 159 -24.66 -6.59 2.28
C ARG B 159 -25.84 -7.29 2.96
N GLU B 160 -27.05 -7.01 2.47
CA GLU B 160 -28.22 -7.65 3.05
C GLU B 160 -28.17 -9.17 2.92
N ASN B 161 -27.44 -9.69 1.94
CA ASN B 161 -27.34 -11.12 1.74
C ASN B 161 -26.03 -11.69 2.25
N GLY B 162 -25.24 -10.88 2.94
CA GLY B 162 -23.97 -11.35 3.49
C GLY B 162 -22.96 -11.74 2.44
N ILE B 163 -22.91 -11.00 1.33
CA ILE B 163 -22.00 -11.26 0.23
C ILE B 163 -21.08 -10.05 0.07
N ASN B 164 -19.77 -10.28 0.06
CA ASN B 164 -18.79 -9.22 -0.08
C ASN B 164 -18.25 -9.19 -1.51
N ARG B 165 -18.05 -7.98 -2.05
CA ARG B 165 -17.60 -7.84 -3.43
C ARG B 165 -16.13 -7.42 -3.51
N ILE B 166 -15.41 -8.09 -4.41
CA ILE B 166 -14.03 -7.76 -4.75
C ILE B 166 -14.03 -7.62 -6.28
N GLY B 167 -14.18 -6.40 -6.77
CA GLY B 167 -14.22 -6.20 -8.21
C GLY B 167 -15.43 -6.89 -8.79
N ASN B 168 -15.25 -7.82 -9.73
CA ASN B 168 -16.36 -8.63 -10.19
C ASN B 168 -16.36 -10.03 -9.54
N LEU B 169 -15.76 -10.17 -8.35
CA LEU B 169 -15.76 -11.41 -7.61
C LEU B 169 -16.56 -11.26 -6.33
N LEU B 170 -16.98 -12.40 -5.78
CA LEU B 170 -17.88 -12.40 -4.63
C LEU B 170 -17.41 -13.42 -3.60
N VAL B 171 -17.34 -13.02 -2.33
CA VAL B 171 -16.98 -13.89 -1.23
CA VAL B 171 -16.99 -13.91 -1.25
C VAL B 171 -18.11 -13.84 -0.18
N PRO B 172 -18.73 -14.96 0.17
CA PRO B 172 -19.73 -14.91 1.24
C PRO B 172 -19.09 -14.69 2.60
N ASN B 173 -19.85 -14.05 3.47
CA ASN B 173 -19.44 -13.83 4.86
C ASN B 173 -18.98 -15.11 5.53
N GLU B 174 -19.60 -16.20 5.18
CA GLU B 174 -19.29 -17.48 5.77
C GLU B 174 -17.86 -17.88 5.59
N ASN B 175 -17.24 -17.43 4.52
CA ASN B 175 -15.83 -17.71 4.29
C ASN B 175 -14.98 -17.25 5.46
N TYR B 176 -15.35 -16.12 6.06
CA TYR B 176 -14.54 -15.55 7.13
C TYR B 176 -14.86 -16.20 8.46
N CSS B 177 -16.03 -16.80 8.58
CA CSS B 177 -16.36 -17.54 9.78
CB CSS B 177 -17.79 -18.02 9.79
SG CSS B 177 -18.97 -16.75 9.77
SD CSS B 177 -18.35 -15.51 11.14
C CSS B 177 -15.50 -18.74 9.79
O CSS B 177 -14.91 -19.01 10.79
HD CSS B 177 -19.21 -14.50 11.23
N LYS B 178 -15.38 -19.46 8.70
CA LYS B 178 -14.51 -20.62 8.62
C LYS B 178 -13.07 -20.24 8.91
N PHE B 179 -12.63 -19.09 8.38
CA PHE B 179 -11.28 -18.61 8.66
C PHE B 179 -11.07 -18.36 10.14
N GLU B 180 -12.05 -17.74 10.80
CA GLU B 180 -11.93 -17.52 12.24
C GLU B 180 -11.76 -18.84 12.97
N ASP B 181 -12.62 -19.82 12.68
CA ASP B 181 -12.54 -21.10 13.38
C ASP B 181 -11.19 -21.78 13.15
N TRP B 182 -10.63 -21.62 11.96
CA TRP B 182 -9.35 -22.21 11.63
C TRP B 182 -8.22 -21.48 12.33
N LEU B 183 -8.27 -20.15 12.35
CA LEU B 183 -7.11 -19.34 12.75
C LEU B 183 -6.96 -19.22 14.26
N MET B 184 -8.06 -19.11 15.00
CA MET B 184 -7.94 -18.77 16.41
C MET B 184 -7.09 -19.77 17.19
N PRO B 185 -7.22 -21.09 17.01
CA PRO B 185 -6.33 -22.01 17.74
C PRO B 185 -4.86 -21.80 17.41
N ILE B 186 -4.56 -21.39 16.18
CA ILE B 186 -3.17 -21.09 15.80
C ILE B 186 -2.67 -19.86 16.55
N LEU B 187 -3.50 -18.82 16.62
CA LEU B 187 -3.09 -17.65 17.37
C LEU B 187 -2.81 -18.00 18.83
N ASP B 188 -3.59 -18.94 19.39
CA ASP B 188 -3.34 -19.34 20.77
C ASP B 188 -1.96 -19.96 20.90
N GLN B 189 -1.62 -20.81 19.96
CA GLN B 189 -0.30 -21.49 19.93
C GLN B 189 0.79 -20.46 19.72
N MET B 190 0.62 -19.50 18.81
CA MET B 190 1.67 -18.50 18.58
C MET B 190 1.96 -17.71 19.86
N VAL B 191 0.92 -17.34 20.59
CA VAL B 191 1.12 -16.58 21.82
C VAL B 191 1.82 -17.44 22.86
N MET B 192 1.45 -18.70 22.93
CA MET B 192 2.09 -19.60 23.86
C MET B 192 3.56 -19.74 23.53
N GLU B 193 3.89 -19.88 22.26
CA GLU B 193 5.28 -20.01 21.85
C GLU B 193 6.06 -18.73 22.08
N GLN B 194 5.40 -17.59 21.90
CA GLN B 194 6.03 -16.32 22.22
C GLN B 194 6.37 -16.25 23.70
N ASN B 195 5.40 -16.54 24.55
CA ASN B 195 5.58 -16.27 25.96
C ASN B 195 6.34 -17.38 26.66
N THR B 196 6.35 -18.60 26.16
CA THR B 196 7.09 -19.66 26.82
C THR B 196 8.29 -20.21 26.07
N GLU B 197 8.46 -19.86 24.82
CA GLU B 197 9.57 -20.42 24.05
C GLU B 197 10.44 -19.35 23.41
N GLY B 198 10.25 -18.07 23.76
CA GLY B 198 11.09 -17.01 23.25
C GLY B 198 10.86 -16.60 21.81
N VAL B 199 9.81 -17.07 21.15
CA VAL B 199 9.63 -16.74 19.75
C VAL B 199 9.34 -15.25 19.59
N LYS B 200 10.00 -14.62 18.60
CA LYS B 200 9.79 -13.21 18.25
C LYS B 200 9.12 -13.18 16.89
N TRP B 201 7.80 -13.02 16.89
CA TRP B 201 7.07 -13.10 15.65
C TRP B 201 7.29 -11.86 14.81
N THR B 202 7.30 -12.07 13.50
CA THR B 202 7.27 -11.04 12.46
C THR B 202 6.23 -11.49 11.46
N PRO B 203 5.85 -10.60 10.54
CA PRO B 203 4.92 -11.03 9.47
C PRO B 203 5.43 -12.22 8.70
N SER B 204 6.71 -12.22 8.28
CA SER B 204 7.19 -13.33 7.47
C SER B 204 7.18 -14.64 8.25
N LYS B 205 7.44 -14.58 9.57
CA LYS B 205 7.44 -15.84 10.32
C LYS B 205 6.01 -16.35 10.51
N MET B 206 5.07 -15.44 10.74
CA MET B 206 3.67 -15.85 10.84
C MET B 206 3.17 -16.45 9.53
N ILE B 207 3.53 -15.84 8.39
CA ILE B 207 3.07 -16.35 7.10
C ILE B 207 3.62 -17.74 6.84
N ALA B 208 4.88 -17.99 7.19
CA ALA B 208 5.42 -19.33 7.07
C ALA B 208 4.62 -20.33 7.90
N ARG B 209 4.34 -19.96 9.15
CA ARG B 209 3.57 -20.84 10.03
C ARG B 209 2.15 -21.08 9.49
N LEU B 210 1.51 -20.03 8.99
CA LEU B 210 0.17 -20.21 8.45
C LEU B 210 0.20 -21.14 7.24
N GLY B 211 1.24 -21.04 6.42
CA GLY B 211 1.39 -21.94 5.30
C GLY B 211 1.60 -23.39 5.73
N LYS B 212 2.39 -23.60 6.78
CA LYS B 212 2.57 -24.95 7.28
C LYS B 212 1.26 -25.49 7.83
N GLU B 213 0.51 -24.66 8.56
CA GLU B 213 -0.73 -25.12 9.18
C GLU B 213 -1.79 -25.44 8.12
N ILE B 214 -1.83 -24.66 7.03
CA ILE B 214 -2.90 -24.91 6.06
C ILE B 214 -2.70 -26.24 5.35
N ASN B 215 -1.45 -26.65 5.18
CA ASN B 215 -1.12 -28.03 4.83
C ASN B 215 -1.91 -28.51 3.60
N ASN B 216 -1.93 -27.70 2.56
CA ASN B 216 -2.78 -27.93 1.39
C ASN B 216 -2.00 -27.52 0.13
N PRO B 217 -1.79 -28.44 -0.82
CA PRO B 217 -0.97 -28.11 -2.00
C PRO B 217 -1.60 -27.11 -2.94
N GLU B 218 -2.83 -26.66 -2.69
CA GLU B 218 -3.39 -25.57 -3.50
C GLU B 218 -2.98 -24.19 -3.01
N SER B 219 -2.32 -24.10 -1.85
CA SER B 219 -1.98 -22.85 -1.20
C SER B 219 -0.60 -22.34 -1.61
N VAL B 220 -0.55 -21.07 -2.02
CA VAL B 220 0.72 -20.39 -2.27
C VAL B 220 1.64 -20.51 -1.05
N TYR B 221 1.12 -20.19 0.13
CA TYR B 221 1.95 -20.09 1.34
C TYR B 221 2.35 -21.46 1.88
N TYR B 222 1.54 -22.49 1.64
CA TYR B 222 2.02 -23.84 1.90
C TYR B 222 3.32 -24.11 1.13
N TRP B 223 3.32 -23.87 -0.19
CA TRP B 223 4.54 -24.12 -0.96
C TRP B 223 5.65 -23.17 -0.61
N ALA B 224 5.34 -21.92 -0.30
CA ALA B 224 6.40 -20.97 0.06
C ALA B 224 7.17 -21.44 1.28
N GLN B 225 6.47 -21.88 2.33
CA GLN B 225 7.21 -22.30 3.54
C GLN B 225 7.92 -23.62 3.28
N LYS B 226 7.33 -24.50 2.48
CA LYS B 226 7.98 -25.77 2.16
C LYS B 226 9.29 -25.54 1.42
N ASN B 227 9.32 -24.54 0.53
CA ASN B 227 10.46 -24.27 -0.32
C ASN B 227 11.38 -23.18 0.24
N HIS B 228 11.14 -22.73 1.48
CA HIS B 228 11.99 -21.73 2.12
C HIS B 228 11.98 -20.40 1.37
N ILE B 229 10.83 -20.05 0.80
CA ILE B 229 10.63 -18.78 0.12
C ILE B 229 10.00 -17.83 1.13
N PRO B 230 10.71 -16.78 1.58
CA PRO B 230 10.12 -15.86 2.56
C PRO B 230 9.06 -14.98 1.90
N VAL B 231 8.06 -14.61 2.70
CA VAL B 231 6.94 -13.76 2.31
C VAL B 231 6.94 -12.54 3.21
N PHE B 232 7.05 -11.36 2.62
CA PHE B 232 7.03 -10.12 3.38
C PHE B 232 5.73 -9.39 3.14
N SER B 233 5.20 -8.82 4.21
CA SER B 233 3.90 -8.16 4.21
C SER B 233 3.90 -7.21 5.40
N PRO B 234 4.59 -6.07 5.32
CA PRO B 234 4.79 -5.26 6.54
C PRO B 234 3.49 -4.71 7.13
N ALA B 235 2.41 -4.69 6.39
CA ALA B 235 1.14 -4.29 6.95
C ALA B 235 0.19 -5.48 7.00
N LEU B 236 0.64 -6.56 7.59
CA LEU B 236 -0.15 -7.79 7.66
C LEU B 236 -1.43 -7.65 8.48
N THR B 237 -1.50 -6.67 9.36
CA THR B 237 -2.68 -6.47 10.21
C THR B 237 -3.84 -5.81 9.46
N ASP B 238 -3.72 -5.56 8.17
CA ASP B 238 -4.71 -4.75 7.46
C ASP B 238 -5.65 -5.65 6.64
N GLY B 239 -6.55 -6.31 7.36
CA GLY B 239 -7.58 -7.14 6.76
C GLY B 239 -8.12 -8.14 7.78
N SER B 240 -8.47 -9.33 7.29
CA SER B 240 -9.13 -10.32 8.16
CA SER B 240 -9.13 -10.32 8.16
C SER B 240 -8.16 -10.89 9.19
N LEU B 241 -6.92 -11.14 8.81
CA LEU B 241 -5.94 -11.54 9.81
C LEU B 241 -5.94 -10.54 10.94
N GLY B 242 -5.90 -9.26 10.57
CA GLY B 242 -5.97 -8.22 11.60
C GLY B 242 -7.23 -8.28 12.43
N ASP B 243 -8.39 -8.42 11.78
CA ASP B 243 -9.61 -8.54 12.57
C ASP B 243 -9.42 -9.58 13.66
N MET B 244 -8.88 -10.72 13.26
CA MET B 244 -8.82 -11.88 14.14
C MET B 244 -7.79 -11.68 15.24
N ILE B 245 -6.62 -11.16 14.89
CA ILE B 245 -5.64 -10.81 15.92
C ILE B 245 -6.27 -9.85 16.92
N PHE B 246 -7.02 -8.88 16.41
CA PHE B 246 -7.67 -7.88 17.25
C PHE B 246 -8.60 -8.53 18.24
N PHE B 247 -9.57 -9.30 17.77
CA PHE B 247 -10.48 -9.94 18.72
C PHE B 247 -9.75 -10.92 19.63
N HIS B 248 -8.80 -11.65 19.07
CA HIS B 248 -7.98 -12.54 19.89
C HIS B 248 -7.26 -11.77 20.99
N SER B 249 -6.83 -10.56 20.72
CA SER B 249 -6.01 -9.81 21.69
C SER B 249 -6.80 -9.63 22.99
N TYR B 250 -8.10 -9.68 22.97
CA TYR B 250 -8.85 -9.44 24.17
C TYR B 250 -8.96 -10.66 25.05
N LYS B 251 -8.93 -11.83 24.47
CA LYS B 251 -8.99 -13.06 25.25
C LYS B 251 -7.60 -13.58 25.61
N ASN B 252 -6.60 -13.32 24.78
CA ASN B 252 -5.25 -13.87 24.93
C ASN B 252 -4.26 -12.78 24.54
N PRO B 253 -4.07 -11.78 25.41
CA PRO B 253 -3.37 -10.57 25.00
C PRO B 253 -1.86 -10.75 24.87
N GLY B 254 -1.24 -9.84 24.10
CA GLY B 254 0.20 -9.70 24.10
C GLY B 254 0.92 -10.10 22.83
N LEU B 255 0.23 -10.58 21.80
CA LEU B 255 0.95 -10.98 20.59
C LEU B 255 1.68 -9.78 19.99
N VAL B 256 2.96 -9.94 19.69
CA VAL B 256 3.72 -8.89 19.05
C VAL B 256 4.12 -9.35 17.64
N LEU B 257 3.93 -8.47 16.67
CA LEU B 257 4.43 -8.67 15.31
C LEU B 257 5.40 -7.54 15.00
N ASP B 258 6.70 -7.85 15.00
CA ASP B 258 7.74 -6.86 14.73
C ASP B 258 7.97 -6.70 13.23
N ILE B 259 7.98 -5.46 12.74
CA ILE B 259 8.29 -5.24 11.33
C ILE B 259 9.76 -4.88 11.10
N VAL B 260 10.52 -4.60 12.17
CA VAL B 260 11.90 -4.20 11.96
C VAL B 260 12.74 -5.39 11.53
N GLU B 261 12.57 -6.53 12.20
CA GLU B 261 13.37 -7.69 11.83
C GLU B 261 13.09 -8.07 10.38
N ASP B 262 11.83 -7.95 9.93
CA ASP B 262 11.51 -8.31 8.55
C ASP B 262 12.17 -7.36 7.55
N LEU B 263 12.44 -6.13 7.95
CA LEU B 263 13.07 -5.20 7.08
C LEU B 263 14.50 -5.65 6.85
N ARG B 264 15.17 -6.02 7.91
CA ARG B 264 16.52 -6.56 7.74
C ARG B 264 16.50 -7.77 6.83
N LEU B 265 15.51 -8.64 7.01
CA LEU B 265 15.49 -9.87 6.23
C LEU B 265 15.29 -9.60 4.74
N ILE B 266 14.32 -8.74 4.37
CA ILE B 266 14.14 -8.52 2.94
C ILE B 266 15.34 -7.77 2.37
N ASN B 267 15.88 -6.80 3.12
CA ASN B 267 16.98 -6.03 2.55
C ASN B 267 18.22 -6.91 2.36
N THR B 268 18.43 -7.91 3.24
CA THR B 268 19.59 -8.79 3.06
C THR B 268 19.45 -9.66 1.82
N GLN B 269 18.21 -10.00 1.45
CA GLN B 269 18.00 -10.79 0.24
C GLN B 269 18.49 -10.04 -0.99
N ALA B 270 18.29 -8.73 -1.02
CA ALA B 270 18.77 -7.91 -2.12
C ALA B 270 20.27 -7.68 -2.02
N ILE B 271 20.78 -7.35 -0.83
CA ILE B 271 22.17 -6.91 -0.72
C ILE B 271 23.14 -8.01 -1.15
N PHE B 272 22.84 -9.26 -0.81
CA PHE B 272 23.79 -10.35 -1.06
C PHE B 272 23.43 -11.17 -2.30
N ALA B 273 22.51 -10.68 -3.13
CA ALA B 273 22.21 -11.33 -4.40
C ALA B 273 23.32 -11.11 -5.42
N LYS B 274 23.54 -12.11 -6.29
CA LYS B 274 24.45 -11.90 -7.42
C LYS B 274 23.81 -10.97 -8.44
N CYS B 275 22.55 -11.23 -8.77
CA CYS B 275 21.72 -10.40 -9.61
C CYS B 275 20.31 -10.45 -9.04
N THR B 276 19.52 -9.42 -9.31
CA THR B 276 18.12 -9.47 -8.93
C THR B 276 17.19 -9.12 -10.09
N GLY B 277 16.01 -9.71 -10.03
CA GLY B 277 14.92 -9.34 -10.92
C GLY B 277 13.69 -9.04 -10.08
N MET B 278 12.92 -8.06 -10.52
CA MET B 278 11.65 -7.72 -9.90
C MET B 278 10.54 -8.01 -10.89
N ILE B 279 9.53 -8.76 -10.46
CA ILE B 279 8.29 -8.94 -11.21
C ILE B 279 7.17 -8.43 -10.30
N ILE B 280 6.55 -7.30 -10.66
CA ILE B 280 5.63 -6.62 -9.76
CA ILE B 280 5.65 -6.58 -9.76
C ILE B 280 4.28 -6.47 -10.41
N LEU B 281 3.28 -7.11 -9.82
CA LEU B 281 1.89 -7.07 -10.28
C LEU B 281 1.11 -6.13 -9.40
N GLY B 282 0.70 -5.00 -9.95
CA GLY B 282 0.01 -4.01 -9.14
C GLY B 282 0.93 -2.97 -8.49
N GLY B 283 0.31 -2.08 -7.71
CA GLY B 283 1.02 -1.00 -7.05
C GLY B 283 1.05 -1.05 -5.53
N GLY B 284 1.13 0.13 -4.89
CA GLY B 284 1.15 0.21 -3.44
C GLY B 284 2.41 -0.34 -2.79
N VAL B 285 2.25 -0.81 -1.55
CA VAL B 285 3.37 -1.25 -0.74
C VAL B 285 4.18 -2.34 -1.42
N VAL B 286 3.50 -3.29 -2.09
CA VAL B 286 4.22 -4.39 -2.70
CA VAL B 286 4.24 -4.39 -2.70
C VAL B 286 5.25 -3.86 -3.71
N LYS B 287 4.86 -2.87 -4.49
CA LYS B 287 5.76 -2.33 -5.50
C LYS B 287 6.91 -1.56 -4.84
N HIS B 288 6.56 -0.65 -3.93
CA HIS B 288 7.57 0.18 -3.31
C HIS B 288 8.54 -0.63 -2.46
N HIS B 289 8.03 -1.65 -1.75
CA HIS B 289 8.84 -2.37 -0.76
C HIS B 289 9.90 -3.21 -1.46
N ILE B 290 9.50 -3.85 -2.57
CA ILE B 290 10.45 -4.60 -3.38
C ILE B 290 11.47 -3.65 -3.99
N ALA B 291 11.01 -2.54 -4.56
CA ALA B 291 11.93 -1.61 -5.21
C ALA B 291 12.88 -0.98 -4.20
N ASN B 292 12.37 -0.62 -3.03
CA ASN B 292 13.23 -0.03 -2.03
C ASN B 292 14.30 -1.01 -1.55
N ALA B 293 13.95 -2.27 -1.33
CA ALA B 293 14.97 -3.25 -0.98
C ALA B 293 16.07 -3.30 -2.02
N ASN B 294 15.71 -3.20 -3.30
CA ASN B 294 16.73 -3.30 -4.32
C ASN B 294 17.57 -2.04 -4.44
N LEU B 295 17.10 -0.90 -3.92
CA LEU B 295 18.00 0.25 -3.82
C LEU B 295 19.20 -0.06 -2.94
N MET B 296 19.05 -0.97 -1.96
CA MET B 296 20.17 -1.26 -1.07
C MET B 296 21.33 -1.92 -1.80
N ARG B 297 21.13 -2.44 -3.02
CA ARG B 297 22.23 -2.93 -3.84
C ARG B 297 22.53 -2.01 -5.02
N ASN B 298 22.01 -0.78 -4.98
CA ASN B 298 22.07 0.17 -6.07
C ASN B 298 21.35 -0.31 -7.32
N GLY B 299 20.35 -1.15 -7.14
CA GLY B 299 19.39 -1.41 -8.21
C GLY B 299 19.20 -2.83 -8.70
N ALA B 300 17.99 -3.14 -9.08
CA ALA B 300 17.69 -4.42 -9.73
C ALA B 300 18.29 -4.45 -11.13
N ASP B 301 18.71 -5.66 -11.53
CA ASP B 301 19.24 -5.85 -12.88
C ASP B 301 18.15 -5.96 -13.94
N TYR B 302 16.99 -6.49 -13.55
CA TYR B 302 15.87 -6.78 -14.45
C TYR B 302 14.59 -6.39 -13.73
N ALA B 303 13.62 -5.87 -14.48
CA ALA B 303 12.36 -5.48 -13.84
C ALA B 303 11.22 -5.47 -14.85
N VAL B 304 10.10 -6.06 -14.46
CA VAL B 304 8.82 -5.99 -15.19
C VAL B 304 7.75 -5.50 -14.21
N TYR B 305 7.07 -4.41 -14.55
CA TYR B 305 5.85 -4.00 -13.88
C TYR B 305 4.65 -4.37 -14.74
N ILE B 306 3.60 -4.91 -14.13
CA ILE B 306 2.31 -5.05 -14.80
C ILE B 306 1.25 -4.37 -13.93
N ASN B 307 0.67 -3.28 -14.43
CA ASN B 307 -0.37 -2.62 -13.65
C ASN B 307 -1.06 -1.60 -14.53
N THR B 308 -2.19 -1.10 -14.03
CA THR B 308 -3.04 -0.16 -14.74
C THR B 308 -2.99 1.23 -14.13
N ALA B 309 -2.03 1.50 -13.25
CA ALA B 309 -1.95 2.82 -12.64
C ALA B 309 -1.31 3.79 -13.63
N GLN B 310 -1.67 5.06 -13.52
CA GLN B 310 -1.15 6.13 -14.37
C GLN B 310 -0.19 7.02 -13.59
N GLU B 311 0.77 7.64 -14.28
CA GLU B 311 1.78 8.40 -13.54
C GLU B 311 1.29 9.77 -13.10
N PHE B 312 0.27 10.35 -13.75
CA PHE B 312 0.05 11.79 -13.70
C PHE B 312 -0.30 12.37 -12.31
N ASP B 313 -0.77 11.56 -11.39
CA ASP B 313 -1.07 12.06 -10.05
C ASP B 313 0.13 11.98 -9.12
N GLY B 314 1.29 11.52 -9.63
CA GLY B 314 2.51 11.46 -8.83
C GLY B 314 2.62 10.24 -7.94
N SER B 315 1.66 9.33 -8.01
CA SER B 315 1.62 8.17 -7.13
C SER B 315 2.79 7.24 -7.40
N ASP B 316 3.33 6.63 -6.35
CA ASP B 316 4.32 5.60 -6.58
C ASP B 316 3.75 4.49 -7.44
N SER B 317 2.47 4.15 -7.23
CA SER B 317 1.84 3.04 -7.94
C SER B 317 1.93 3.26 -9.44
N GLY B 318 1.71 4.49 -9.90
CA GLY B 318 1.69 4.81 -11.31
C GLY B 318 3.03 5.22 -11.89
N ALA B 319 4.08 5.20 -11.08
CA ALA B 319 5.39 5.67 -11.55
C ALA B 319 5.95 4.67 -12.56
N ARG B 320 6.55 5.20 -13.61
CA ARG B 320 7.21 4.36 -14.59
C ARG B 320 8.51 3.78 -14.01
N PRO B 321 8.97 2.66 -14.55
CA PRO B 321 10.30 2.15 -14.13
C PRO B 321 11.36 3.22 -14.17
N ASP B 322 11.24 4.17 -15.10
CA ASP B 322 12.32 5.13 -15.20
C ASP B 322 12.36 6.07 -14.01
N GLU B 323 11.27 6.18 -13.24
CA GLU B 323 11.36 6.96 -12.01
C GLU B 323 12.23 6.23 -11.00
N ALA B 324 12.09 4.91 -10.94
CA ALA B 324 12.88 4.12 -10.01
C ALA B 324 14.36 4.18 -10.35
N VAL B 325 14.70 4.35 -11.63
CA VAL B 325 16.10 4.54 -12.02
C VAL B 325 16.69 5.77 -11.34
N SER B 326 15.92 6.86 -11.23
CA SER B 326 16.47 8.07 -10.63
C SER B 326 16.88 7.83 -9.17
N TRP B 327 16.19 6.92 -8.48
CA TRP B 327 16.47 6.60 -7.08
C TRP B 327 17.61 5.61 -6.92
N GLY B 328 17.95 4.85 -7.95
CA GLY B 328 18.88 3.73 -7.81
C GLY B 328 18.21 2.43 -7.48
N LYS B 329 16.88 2.37 -7.60
CA LYS B 329 16.14 1.13 -7.37
C LYS B 329 16.23 0.16 -8.53
N ILE B 330 16.46 0.69 -9.73
CA ILE B 330 16.67 -0.09 -10.96
C ILE B 330 17.97 0.45 -11.54
N ARG B 331 18.87 -0.44 -11.94
CA ARG B 331 20.17 0.00 -12.44
C ARG B 331 20.01 0.82 -13.71
N VAL B 332 20.98 1.72 -13.92
CA VAL B 332 20.94 2.60 -15.09
C VAL B 332 21.05 1.79 -16.38
N ASP B 333 21.78 0.69 -16.35
CA ASP B 333 21.97 -0.08 -17.57
C ASP B 333 20.94 -1.19 -17.74
N ALA B 334 19.95 -1.25 -16.85
CA ALA B 334 18.85 -2.18 -17.05
C ALA B 334 17.92 -1.70 -18.16
N GLN B 335 17.13 -2.65 -18.68
CA GLN B 335 16.11 -2.37 -19.69
C GLN B 335 14.74 -2.78 -19.14
N PRO B 336 14.25 -2.10 -18.11
CA PRO B 336 12.99 -2.51 -17.47
C PRO B 336 11.83 -2.23 -18.41
N VAL B 337 10.71 -2.86 -18.11
CA VAL B 337 9.53 -2.75 -18.89
C VAL B 337 8.28 -2.69 -18.06
N LYS B 338 7.37 -1.80 -18.40
CA LYS B 338 6.03 -1.81 -17.81
C LYS B 338 5.01 -2.19 -18.88
N VAL B 339 4.15 -3.14 -18.55
CA VAL B 339 2.99 -3.49 -19.39
C VAL B 339 1.77 -2.85 -18.73
N TYR B 340 1.10 -1.95 -19.44
CA TYR B 340 -0.07 -1.27 -18.89
C TYR B 340 -1.28 -2.15 -19.19
N ALA B 341 -1.63 -3.01 -18.24
CA ALA B 341 -2.72 -3.93 -18.44
C ALA B 341 -3.11 -4.59 -17.13
N ASP B 342 -4.36 -5.07 -17.09
CA ASP B 342 -4.84 -5.93 -16.02
C ASP B 342 -4.04 -7.23 -15.98
N ALA B 343 -3.39 -7.50 -14.85
CA ALA B 343 -2.53 -8.68 -14.78
C ALA B 343 -3.33 -9.98 -14.90
N SER B 344 -4.65 -9.94 -14.71
CA SER B 344 -5.39 -11.18 -14.84
C SER B 344 -5.36 -11.66 -16.29
N LEU B 345 -5.17 -10.75 -17.23
CA LEU B 345 -5.03 -11.13 -18.64
C LEU B 345 -3.58 -11.51 -18.97
N VAL B 346 -2.63 -10.68 -18.58
CA VAL B 346 -1.25 -10.72 -19.07
CA VAL B 346 -1.31 -10.88 -19.17
C VAL B 346 -0.39 -11.74 -18.34
N PHE B 347 -0.61 -11.89 -17.02
CA PHE B 347 0.38 -12.67 -16.29
C PHE B 347 0.36 -14.16 -16.67
N PRO B 348 -0.79 -14.81 -16.86
CA PRO B 348 -0.71 -16.21 -17.32
C PRO B 348 -0.05 -16.35 -18.70
N LEU B 349 -0.23 -15.37 -19.59
CA LEU B 349 0.46 -15.40 -20.89
C LEU B 349 1.95 -15.24 -20.71
N LEU B 350 2.36 -14.34 -19.81
CA LEU B 350 3.79 -14.15 -19.56
C LEU B 350 4.42 -15.42 -19.03
N VAL B 351 3.75 -16.07 -18.05
CA VAL B 351 4.31 -17.30 -17.47
C VAL B 351 4.37 -18.40 -18.54
N ALA B 352 3.35 -18.47 -19.38
CA ALA B 352 3.35 -19.48 -20.45
C ALA B 352 4.58 -19.37 -21.36
N GLU B 353 5.00 -18.12 -21.64
CA GLU B 353 6.12 -17.84 -22.54
C GLU B 353 7.48 -17.82 -21.86
N THR B 354 7.52 -17.92 -20.53
CA THR B 354 8.79 -17.84 -19.81
C THR B 354 8.97 -19.02 -18.88
N PHE B 355 8.56 -18.89 -17.61
CA PHE B 355 8.84 -19.95 -16.66
C PHE B 355 8.33 -21.32 -17.11
N ALA B 356 7.12 -21.40 -17.66
CA ALA B 356 6.55 -22.71 -17.95
C ALA B 356 7.34 -23.43 -19.05
N GLN B 357 8.03 -22.69 -19.89
CA GLN B 357 8.91 -23.22 -20.96
C GLN B 357 10.18 -23.82 -20.38
N LYS B 358 10.60 -23.44 -19.19
CA LYS B 358 11.83 -23.99 -18.62
C LYS B 358 11.55 -24.82 -17.38
N MET B 359 10.33 -25.35 -17.28
CA MET B 359 9.94 -26.11 -16.11
C MET B 359 10.93 -27.25 -15.80
N ASP B 360 11.40 -27.95 -16.83
CA ASP B 360 12.30 -29.09 -16.56
C ASP B 360 13.54 -28.65 -15.79
N ALA B 361 14.00 -27.41 -15.98
CA ALA B 361 15.20 -26.94 -15.29
C ALA B 361 14.96 -26.70 -13.81
N PHE B 362 13.72 -26.47 -13.42
CA PHE B 362 13.38 -26.18 -12.04
C PHE B 362 13.01 -27.43 -11.26
N MET B 363 12.95 -28.55 -11.94
CA MET B 363 12.67 -29.83 -11.33
C MET B 363 13.94 -30.64 -11.14
N HIS B 364 13.83 -31.66 -10.30
CA HIS B 364 14.80 -32.74 -10.23
C HIS B 364 14.52 -33.61 -9.03
C FMT C . -8.21 -2.90 10.62
O1 FMT C . -8.05 -1.70 10.60
O2 FMT C . -7.46 -3.79 10.04
H FMT C . -9.18 -3.26 10.98
HO2 FMT C . -6.68 -3.51 9.53
N1 SPM D . -11.46 -4.62 -2.14
C2 SPM D . -11.98 -5.47 -1.07
C3 SPM D . -11.06 -5.50 0.09
C4 SPM D . -11.23 -6.67 1.01
N5 SPM D . -11.04 -6.26 2.39
C6 SPM D . -11.30 -7.23 3.46
C7 SPM D . -11.09 -6.58 4.81
C8 SPM D . -11.94 -7.15 5.92
C9 SPM D . -12.50 -8.52 5.61
N10 SPM D . -12.72 -9.29 6.82
C11 SPM D . -13.96 -8.97 7.52
C12 SPM D . -15.14 -9.60 6.87
C13 SPM D . -16.06 -10.27 7.83
N14 SPM D . -17.44 -9.88 7.61
HN11 SPM D . -12.06 -4.01 -2.37
HN12 SPM D . -10.73 -4.18 -1.87
H21 SPM D . -12.08 -6.38 -1.42
H22 SPM D . -12.85 -5.15 -0.80
H31 SPM D . -11.19 -4.67 0.61
H32 SPM D . -10.14 -5.49 -0.22
H41 SPM D . -10.59 -7.37 0.78
H42 SPM D . -12.14 -7.04 0.91
HN5 SPM D . -10.21 -5.96 2.49
H61 SPM D . -10.69 -8.00 3.35
H62 SPM D . -12.22 -7.56 3.38
H71 SPM D . -11.27 -5.62 4.72
H72 SPM D . -10.14 -6.68 5.06
H81 SPM D . -11.41 -7.19 6.74
H82 SPM D . -12.69 -6.53 6.08
H91 SPM D . -11.88 -9.00 5.03
H92 SPM D . -13.35 -8.42 5.12
HN0 SPM D . -12.75 -10.16 6.60
H111 SPM D . -14.08 -7.99 7.53
H112 SPM D . -13.90 -9.27 8.45
H121 SPM D . -14.82 -10.26 6.22
H122 SPM D . -15.64 -8.92 6.38
H131 SPM D . -15.99 -11.25 7.71
H132 SPM D . -15.80 -10.06 8.74
HN41 SPM D . -17.89 -9.91 8.37
HN42 SPM D . -17.85 -10.42 7.05
C1 EDO E . -2.79 -5.11 -11.67
O1 EDO E . -3.65 -5.94 -12.46
C2 EDO E . -3.17 -5.36 -10.22
O2 EDO E . -4.45 -4.78 -9.98
H11 EDO E . -2.94 -4.07 -11.93
H12 EDO E . -1.75 -5.38 -11.84
HO1 EDO E . -3.76 -5.52 -13.32
H21 EDO E . -2.43 -4.90 -9.56
H22 EDO E . -3.21 -6.43 -10.01
HO2 EDO E . -4.66 -4.84 -9.04
C1 EDO F . -4.70 11.11 -5.66
O1 EDO F . -4.33 12.40 -5.89
C2 EDO F . -3.61 10.32 -5.08
O2 EDO F . -2.42 10.35 -5.78
H11 EDO F . -5.56 11.09 -4.98
H12 EDO F . -5.02 10.65 -6.59
HO1 EDO F . -4.64 12.93 -5.15
H21 EDO F . -3.42 10.68 -4.05
H22 EDO F . -3.93 9.28 -4.99
HO2 EDO F . -1.77 9.78 -5.34
C1 OXM G . 14.78 21.13 13.09
N1 OXM G . 14.62 20.81 14.36
O1 OXM G . 15.86 20.96 12.50
C2 OXM G . 13.64 21.72 12.36
O2 OXM G . 12.49 21.40 12.66
O3 OXM G . 13.84 22.59 11.49
HN1 OXM G . 15.34 20.30 14.86
HN2 OXM G . 13.77 21.09 14.85
C1 OXM H . -25.52 18.44 -6.82
N1 OXM H . -25.89 17.16 -6.77
O1 OXM H . -25.44 19.09 -7.87
C2 OXM H . -25.19 19.15 -5.59
O2 OXM H . -24.00 19.27 -5.23
O3 OXM H . -26.15 19.68 -4.96
HN1 OXM H . -26.28 16.72 -7.60
HN2 OXM H . -25.86 16.65 -5.89
C ACT I . -36.03 13.96 -15.47
O ACT I . -36.23 15.05 -16.05
OXT ACT I . -36.67 12.89 -15.57
CH3 ACT I . -34.85 13.93 -14.50
H1 ACT I . -35.17 13.74 -13.61
H2 ACT I . -34.43 14.80 -14.47
H3 ACT I . -34.20 13.27 -14.76
C ACT J . 24.15 6.03 5.10
O ACT J . 24.61 4.97 5.63
OXT ACT J . 24.59 7.20 5.14
CH3 ACT J . 22.88 5.88 4.29
H1 ACT J . 22.18 5.53 4.86
H2 ACT J . 23.02 5.23 3.58
H3 ACT J . 22.60 6.72 3.91
C ACT K . 17.91 21.07 -7.76
O ACT K . 18.10 21.50 -6.59
OXT ACT K . 18.74 20.71 -8.63
CH3 ACT K . 16.47 20.96 -8.18
H1 ACT K . 16.27 20.04 -8.41
H2 ACT K . 16.31 21.50 -8.97
H3 ACT K . 15.87 21.25 -7.47
C ACT L . 13.59 24.48 4.73
O ACT L . 13.28 24.76 5.91
OXT ACT L . 12.93 23.85 3.86
CH3 ACT L . 14.96 24.98 4.29
H1 ACT L . 14.87 25.58 3.54
H2 ACT L . 15.50 24.23 3.99
H3 ACT L . 15.42 25.44 5.01
C ACT M . -25.42 38.82 -15.57
O ACT M . -24.88 39.55 -14.74
OXT ACT M . -25.90 37.72 -15.32
CH3 ACT M . -25.52 39.35 -17.00
H1 ACT M . -26.02 40.18 -17.01
H2 ACT M . -26.00 38.72 -17.55
H3 ACT M . -24.63 39.51 -17.39
C ACT N . -17.23 -5.00 23.03
O ACT N . -17.82 -3.97 22.66
OXT ACT N . -17.23 -6.06 22.40
CH3 ACT N . -16.47 -4.95 24.36
H1 ACT N . -16.85 -5.59 24.97
H2 ACT N . -16.58 -4.07 24.76
H3 ACT N . -15.52 -5.13 24.23
C1 BME O . -7.46 -0.11 23.09
C2 BME O . -6.04 0.18 22.85
O1 BME O . -7.63 -0.74 24.32
S2 BME O . -4.99 -1.23 23.27
H11 BME O . -7.79 -0.70 22.39
H12 BME O . -7.98 0.71 23.07
H21 BME O . -5.77 0.92 23.41
H22 BME O . -5.91 0.40 21.92
HO1 BME O . -8.46 -0.89 24.42
HS2 BME O . -4.43 -1.38 22.21
C1 MPD P . -4.28 -26.32 -37.37
C2 MPD P . -3.61 -25.19 -38.13
O2 MPD P . -4.59 -24.58 -38.96
CM MPD P . -3.12 -24.14 -37.15
C3 MPD P . -2.48 -25.72 -39.01
C4 MPD P . -2.12 -24.84 -40.17
O4 MPD P . -2.80 -23.60 -40.10
C5 MPD P . -0.62 -24.68 -40.29
H11 MPD P . -3.61 -26.85 -36.92
H12 MPD P . -4.78 -26.89 -38.00
H13 MPD P . -4.90 -25.95 -36.72
HO2 MPD P . -4.87 -25.15 -39.53
HM1 MPD P . -2.48 -24.53 -36.55
HM2 MPD P . -3.88 -23.79 -36.64
HM3 MPD P . -2.70 -23.41 -37.64
H31 MPD P . -2.75 -26.58 -39.35
H32 MPD P . -1.69 -25.83 -38.45
H4 MPD P . -2.42 -25.29 -40.97
HO4 MPD P . -2.65 -23.15 -40.80
H51 MPD P . -0.41 -24.20 -41.11
H52 MPD P . -0.21 -25.57 -40.33
H53 MPD P . -0.28 -24.21 -39.53
N1 SPM Q . 7.71 7.26 -6.04
C2 SPM Q . 8.31 7.88 -4.87
C3 SPM Q . 9.30 6.93 -4.31
C4 SPM Q . 9.82 7.27 -2.94
N5 SPM Q . 10.76 6.24 -2.48
C6 SPM Q . 11.52 6.49 -1.27
C7 SPM Q . 12.37 5.26 -0.96
C8 SPM Q . 13.42 5.49 0.11
C9 SPM Q . 14.52 6.42 -0.37
N10 SPM Q . 15.54 6.58 0.67
C11 SPM Q . 16.51 7.65 0.39
C12 SPM Q . 17.53 7.19 -0.61
C13 SPM Q . 18.67 8.18 -0.76
N14 SPM Q . 19.69 7.63 -1.67
HN11 SPM Q . 7.99 6.33 -6.34
HN12 SPM Q . 6.90 7.71 -6.48
H21 SPM Q . 7.58 8.10 -4.10
H22 SPM Q . 8.81 8.80 -5.16
H31 SPM Q . 8.86 5.94 -4.26
H32 SPM Q . 10.16 6.87 -4.98
H41 SPM Q . 8.99 7.34 -2.23
H42 SPM Q . 10.32 8.24 -2.96
HN5 SPM Q . 10.62 5.30 -2.79
H61 SPM Q . 12.15 7.37 -1.40
H62 SPM Q . 10.84 6.68 -0.44
H71 SPM Q . 12.87 4.95 -1.88
H72 SPM Q . 11.72 4.45 -0.65
H81 SPM Q . 13.86 4.53 0.40
H82 SPM Q . 12.95 5.92 0.99
H91 SPM Q . 14.10 7.40 -0.61
H92 SPM Q . 14.98 6.02 -1.27
HN0 SPM Q . 15.29 6.40 1.62
H111 SPM Q . 17.00 7.93 1.32
H112 SPM Q . 15.99 8.52 0.00
H121 SPM Q . 17.05 7.06 -1.57
H122 SPM Q . 17.93 6.23 -0.30
H131 SPM Q . 19.11 8.37 0.22
H132 SPM Q . 18.29 9.12 -1.16
HN41 SPM Q . 19.64 7.84 -2.65
HN42 SPM Q . 20.44 7.08 -1.29
C1 EDO R . 11.30 -18.60 5.15
O1 EDO R . 12.52 -18.80 4.42
C2 EDO R . 10.18 -19.44 4.55
O2 EDO R . 9.50 -20.17 5.59
H11 EDO R . 11.44 -18.82 6.21
H12 EDO R . 11.06 -17.56 5.01
HO1 EDO R . 13.21 -18.26 4.82
H21 EDO R . 10.56 -20.12 3.81
H22 EDO R . 9.47 -18.77 4.06
HO2 EDO R . 8.74 -20.63 5.22
C1 EDO S . -9.54 -23.31 -5.97
O1 EDO S . -9.42 -21.93 -5.90
C2 EDO S . -8.69 -23.91 -7.00
O2 EDO S . -7.42 -24.23 -6.52
H11 EDO S . -10.59 -23.56 -6.18
H12 EDO S . -9.30 -23.73 -5.00
HO1 EDO S . -10.01 -21.58 -5.22
H21 EDO S . -8.56 -23.19 -7.78
H22 EDO S . -9.17 -24.80 -7.41
HO2 EDO S . -6.90 -24.63 -7.23
C ACT T . 2.02 -32.34 -1.03
O ACT T . 3.22 -32.09 -0.69
OXT ACT T . 1.52 -32.42 -2.19
CH3 ACT T . 1.05 -32.60 0.12
H1 ACT T . 0.32 -31.97 0.07
H2 ACT T . 1.50 -32.47 0.98
H3 ACT T . 0.70 -33.51 0.09
C ACT U . 17.32 -24.00 -10.02
O ACT U . 17.05 -22.77 -10.09
OXT ACT U . 18.35 -24.61 -10.45
CH3 ACT U . 16.30 -24.86 -9.28
H1 ACT U . 15.96 -25.53 -9.89
H2 ACT U . 15.56 -24.32 -9.00
H3 ACT U . 16.70 -25.30 -8.51
C ACT V . 0.49 -29.54 10.54
O ACT V . 1.34 -28.96 11.22
OXT ACT V . -0.69 -29.17 10.44
CH3 ACT V . 0.91 -30.79 9.80
H1 ACT V . 0.38 -31.55 10.12
H2 ACT V . 1.83 -31.00 10.02
H3 ACT V . 0.81 -30.70 8.84
#